data_5T4S
#
_entry.id   5T4S
#
_cell.length_a   139.927
_cell.length_b   139.927
_cell.length_c   139.927
_cell.angle_alpha   90.000
_cell.angle_beta   90.000
_cell.angle_gamma   90.000
#
_symmetry.space_group_name_H-M   'P 21 3'
#
loop_
_entity.id
_entity.type
_entity.pdbx_description
1 polymer Renin
2 non-polymer 2-acetamido-2-deoxy-beta-D-glucopyranose
3 non-polymer 1-(2-METHOXY-ETHOXY)-2-{2-[2-(2-METHOXY-ETHOXY]-ETHOXY}-ETHANE
4 non-polymer 'DIMETHYL SULFOXIDE'
5 non-polymer 6-chloro-N-[(furan-2-yl)methyl]pyrazin-2-amine
6 non-polymer 'TRIETHYLENE GLYCOL'
7 water water
#
_entity_poly.entity_id   1
_entity_poly.type   'polypeptide(L)'
_entity_poly.pdbx_seq_one_letter_code
;TLGNTTSSVILTNYMDTQYYGEIGIGTPPQTFKVVFDTGSSNVWVPSSKCSRLYTACVYHKLFDASDSSSYKHNGTELTL
RYSTGTVSGFLSQDIITVGGITVTQMFGEVTEMPALPFMLAEFDGVVGMGFIEQAIGRVTPIFDNIISQGVLKEDVFSFY
YNRDSENSQSLGGQIVLGGSDPQHYEGNFHYINLIKTGVWQIQMKGVSVGSSTLLCEDGCLALVDTGASYISGSTSSIEK
LMEALGAKKRLFDYVVKCNEGPTLPDISFHLGGKEYTLTSADYVFQESYSSKKLCTLAIHAMDIPPPTGPTWALGATFIR
KFYTEFDRRNNRIGFALAR
;
_entity_poly.pdbx_strand_id   A,B
#
loop_
_chem_comp.id
_chem_comp.type
_chem_comp.name
_chem_comp.formula
77O non-polymer 6-chloro-N-[(furan-2-yl)methyl]pyrazin-2-amine 'C9 H8 Cl N3 O'
DMS non-polymer 'DIMETHYL SULFOXIDE' 'C2 H6 O S'
NAG D-saccharide, beta linking 2-acetamido-2-deoxy-beta-D-glucopyranose 'C8 H15 N O6'
PG6 non-polymer 1-(2-METHOXY-ETHOXY)-2-{2-[2-(2-METHOXY-ETHOXY]-ETHOXY}-ETHANE 'C12 H26 O6'
PGE non-polymer 'TRIETHYLENE GLYCOL' 'C6 H14 O4'
#
# COMPACT_ATOMS: atom_id res chain seq x y z
N THR A 1 -23.11 -1.89 29.03
CA THR A 1 -23.44 -0.44 28.91
C THR A 1 -22.64 0.24 27.77
N LEU A 2 -23.37 0.96 26.91
CA LEU A 2 -22.80 1.65 25.73
C LEU A 2 -23.34 3.07 25.57
N GLY A 3 -22.46 3.99 25.18
CA GLY A 3 -22.83 5.39 24.91
C GLY A 3 -22.99 5.67 23.42
N ASN A 4 -22.57 6.86 22.99
CA ASN A 4 -22.67 7.26 21.59
C ASN A 4 -21.41 7.91 20.99
N THR A 5 -20.41 8.17 21.84
CA THR A 5 -19.12 8.72 21.45
C THR A 5 -18.33 7.73 20.60
N THR A 6 -17.70 8.25 19.55
CA THR A 6 -16.60 7.57 18.88
C THR A 6 -15.39 8.50 19.06
N SER A 7 -14.18 7.93 19.04
CA SER A 7 -12.99 8.74 19.28
C SER A 7 -11.75 8.21 18.57
N SER A 8 -11.04 9.10 17.87
CA SER A 8 -9.86 8.70 17.12
C SER A 8 -8.55 9.19 17.74
N VAL A 9 -7.51 8.37 17.62
CA VAL A 9 -6.14 8.73 17.99
C VAL A 9 -5.30 8.78 16.70
N ILE A 10 -4.66 9.93 16.45
CA ILE A 10 -3.80 10.11 15.27
C ILE A 10 -2.45 9.44 15.52
N LEU A 11 -1.98 8.62 14.58
CA LEU A 11 -0.68 7.95 14.73
C LEU A 11 0.40 8.43 13.76
N THR A 12 1.63 8.47 14.27
CA THR A 12 2.82 8.78 13.48
C THR A 12 3.45 7.46 13.04
N ASN A 13 3.75 7.38 11.75
CA ASN A 13 4.43 6.22 11.16
C ASN A 13 5.92 6.51 11.09
N TYR A 14 6.65 5.82 11.96
CA TYR A 14 8.10 5.87 11.94
C TYR A 14 8.66 4.67 11.19
N MET A 15 9.23 4.94 10.01
CA MET A 15 9.97 3.98 9.18
CA MET A 15 10.05 3.95 9.29
C MET A 15 9.28 2.64 8.94
N ASP A 16 7.95 2.67 8.97
CA ASP A 16 7.08 1.47 8.78
C ASP A 16 7.18 0.39 9.89
N THR A 17 7.89 0.70 10.97
CA THR A 17 8.12 -0.26 12.04
C THR A 17 7.52 0.18 13.37
N GLN A 18 7.39 1.50 13.57
CA GLN A 18 6.85 2.02 14.81
C GLN A 18 5.69 2.97 14.52
N TYR A 19 4.53 2.62 15.08
CA TYR A 19 3.31 3.41 14.92
C TYR A 19 2.85 3.86 16.30
N TYR A 20 2.88 5.17 16.54
CA TYR A 20 2.63 5.69 17.87
C TYR A 20 1.70 6.90 17.89
N GLY A 21 1.03 7.10 19.01
CA GLY A 21 0.16 8.26 19.22
C GLY A 21 0.50 8.98 20.51
N GLU A 22 -0.19 10.09 20.73
CA GLU A 22 0.01 10.93 21.90
C GLU A 22 -1.04 10.59 22.94
N ILE A 23 -0.59 10.40 24.19
CA ILE A 23 -1.46 10.36 25.36
C ILE A 23 -0.96 11.39 26.38
N GLY A 24 -1.85 11.86 27.26
CA GLY A 24 -1.46 12.78 28.32
C GLY A 24 -1.68 12.15 29.67
N ILE A 25 -0.64 12.15 30.51
CA ILE A 25 -0.74 11.62 31.89
C ILE A 25 -0.56 12.74 32.92
N GLY A 26 -1.52 12.84 33.85
CA GLY A 26 -1.40 13.74 34.99
C GLY A 26 -2.08 15.09 34.85
N THR A 27 -2.00 15.89 35.91
CA THR A 27 -2.49 17.26 35.93
C THR A 27 -1.35 18.22 36.34
N PRO A 28 -0.92 19.12 35.44
CA PRO A 28 -1.39 19.20 34.04
C PRO A 28 -0.88 18.00 33.22
N PRO A 29 -1.41 17.80 31.98
CA PRO A 29 -0.98 16.64 31.21
C PRO A 29 0.51 16.65 30.89
N GLN A 30 1.19 15.55 31.19
CA GLN A 30 2.51 15.25 30.66
C GLN A 30 2.27 14.31 29.48
N THR A 31 2.76 14.69 28.30
CA THR A 31 2.48 13.95 27.06
C THR A 31 3.52 12.89 26.75
N PHE A 32 3.07 11.76 26.22
CA PHE A 32 3.94 10.64 25.87
C PHE A 32 3.58 10.06 24.52
N LYS A 33 4.61 9.66 23.77
CA LYS A 33 4.44 8.92 22.53
C LYS A 33 4.34 7.46 22.93
N VAL A 34 3.25 6.81 22.52
CA VAL A 34 2.97 5.44 22.94
C VAL A 34 2.54 4.54 21.79
N VAL A 35 2.93 3.27 21.87
CA VAL A 35 2.47 2.28 20.93
C VAL A 35 1.24 1.64 21.53
N PHE A 36 0.20 1.52 20.71
CA PHE A 36 -1.01 0.84 21.11
C PHE A 36 -0.89 -0.59 20.64
N ASP A 37 -0.78 -1.49 21.63
CA ASP A 37 -0.32 -2.86 21.42
C ASP A 37 -1.35 -3.90 21.88
N THR A 38 -1.95 -4.57 20.90
CA THR A 38 -2.92 -5.63 21.16
C THR A 38 -2.30 -6.91 21.73
N GLY A 39 -0.97 -6.99 21.67
CA GLY A 39 -0.23 -8.16 22.16
C GLY A 39 0.09 -8.14 23.63
N SER A 40 -0.18 -7.03 24.31
CA SER A 40 0.03 -6.88 25.75
C SER A 40 -1.11 -6.07 26.36
N SER A 41 -1.11 -5.89 27.69
CA SER A 41 -2.28 -5.31 28.39
C SER A 41 -1.96 -4.21 29.41
N ASN A 42 -0.68 -3.90 29.58
CA ASN A 42 -0.28 -2.86 30.53
C ASN A 42 0.02 -1.54 29.85
N VAL A 43 -0.30 -0.46 30.54
CA VAL A 43 0.21 0.86 30.18
C VAL A 43 1.50 1.09 30.96
N TRP A 44 2.54 1.52 30.26
CA TRP A 44 3.73 2.05 30.93
C TRP A 44 4.34 3.22 30.18
N VAL A 45 5.00 4.08 30.94
CA VAL A 45 5.82 5.17 30.40
C VAL A 45 7.09 5.22 31.23
N PRO A 46 8.19 5.84 30.70
CA PRO A 46 9.38 5.91 31.54
C PRO A 46 9.18 6.88 32.70
N SER A 47 9.82 6.57 33.83
CA SER A 47 9.68 7.33 35.05
C SER A 47 10.81 8.33 35.22
N SER A 48 10.49 9.48 35.82
CA SER A 48 11.51 10.43 36.29
C SER A 48 12.45 9.76 37.30
N LYS A 49 11.99 8.68 37.90
CA LYS A 49 12.73 7.93 38.90
C LYS A 49 13.69 6.91 38.29
N CYS A 50 13.67 6.82 36.95
CA CYS A 50 14.62 6.03 36.18
C CYS A 50 16.00 6.67 36.26
N SER A 51 16.96 5.88 36.72
CA SER A 51 18.37 6.29 36.78
C SER A 51 18.83 6.78 35.42
N ARG A 52 19.48 7.94 35.40
CA ARG A 52 20.03 8.48 34.15
C ARG A 52 21.15 7.64 33.54
N LEU A 53 21.63 6.65 34.29
CA LEU A 53 22.53 5.61 33.79
C LEU A 53 21.86 4.68 32.77
N TYR A 54 20.53 4.59 32.82
CA TYR A 54 19.74 4.15 31.66
C TYR A 54 19.66 5.30 30.64
N THR A 55 20.43 5.17 29.58
CA THR A 55 20.52 6.18 28.51
C THR A 55 19.18 6.40 27.80
N ALA A 56 18.37 5.35 27.73
CA ALA A 56 17.01 5.42 27.17
C ALA A 56 16.12 6.38 27.96
N CYS A 57 16.39 6.53 29.26
CA CYS A 57 15.66 7.48 30.06
C CYS A 57 16.12 8.92 29.82
N VAL A 58 17.38 9.07 29.40
CA VAL A 58 17.91 10.37 28.95
C VAL A 58 17.23 10.80 27.63
N TYR A 59 16.89 9.84 26.76
CA TYR A 59 16.40 10.13 25.39
C TYR A 59 14.88 10.00 25.20
N HIS A 60 14.13 9.98 26.29
CA HIS A 60 12.69 9.81 26.27
C HIS A 60 12.01 10.68 27.30
N LYS A 61 10.73 10.98 27.05
CA LYS A 61 9.90 11.68 28.01
C LYS A 61 9.72 10.84 29.28
N LEU A 62 9.86 11.50 30.41
CA LEU A 62 9.75 10.84 31.72
C LEU A 62 8.56 11.39 32.48
N PHE A 63 7.73 10.49 33.01
CA PHE A 63 6.62 10.89 33.87
C PHE A 63 7.15 11.31 35.24
N ASP A 64 6.79 12.52 35.64
CA ASP A 64 7.20 13.03 36.94
C ASP A 64 5.98 13.17 37.83
N ALA A 65 5.83 12.19 38.73
CA ALA A 65 4.75 12.15 39.73
C ALA A 65 4.68 13.43 40.56
N SER A 66 5.85 13.99 40.87
CA SER A 66 5.97 15.22 41.67
C SER A 66 5.43 16.48 40.97
N ASP A 67 5.07 16.36 39.69
CA ASP A 67 4.47 17.46 38.94
C ASP A 67 3.00 17.24 38.63
N SER A 68 2.42 16.15 39.15
CA SER A 68 1.01 15.84 38.92
C SER A 68 0.18 15.91 40.19
N SER A 69 -0.81 16.80 40.18
CA SER A 69 -1.68 16.98 41.35
C SER A 69 -2.77 15.89 41.48
N SER A 70 -2.88 15.04 40.47
CA SER A 70 -3.91 13.98 40.42
C SER A 70 -3.30 12.56 40.52
N TYR A 71 -1.99 12.52 40.69
CA TYR A 71 -1.26 11.29 40.93
C TYR A 71 -1.71 10.59 42.20
N LYS A 72 -1.81 9.27 42.13
CA LYS A 72 -2.09 8.45 43.30
C LYS A 72 -1.08 7.31 43.37
N HIS A 73 -0.31 7.30 44.45
CA HIS A 73 0.77 6.33 44.68
C HIS A 73 0.21 4.92 44.80
N ASN A 74 0.98 3.94 44.32
CA ASN A 74 0.78 2.54 44.65
C ASN A 74 2.12 1.89 44.96
N GLY A 75 3.03 1.87 43.98
CA GLY A 75 4.40 1.45 44.20
C GLY A 75 4.72 -0.03 44.10
N THR A 76 3.74 -0.87 43.76
CA THR A 76 3.98 -2.30 43.52
C THR A 76 4.92 -2.49 42.32
N GLU A 77 5.96 -3.31 42.54
CA GLU A 77 6.94 -3.63 41.51
C GLU A 77 6.29 -4.37 40.36
N LEU A 78 6.70 -4.04 39.15
CA LEU A 78 6.28 -4.81 37.99
C LEU A 78 7.33 -4.88 36.89
N THR A 79 7.40 -6.08 36.30
CA THR A 79 8.28 -6.38 35.18
C THR A 79 7.39 -6.75 34.00
N LEU A 80 7.63 -6.08 32.88
CA LEU A 80 6.90 -6.33 31.64
C LEU A 80 7.86 -6.89 30.61
N ARG A 81 7.57 -8.10 30.15
CA ARG A 81 8.44 -8.82 29.23
C ARG A 81 7.80 -8.84 27.85
N TYR A 82 8.51 -8.24 26.87
CA TYR A 82 8.12 -8.26 25.46
C TYR A 82 9.09 -9.14 24.67
N SER A 83 8.79 -9.36 23.39
CA SER A 83 9.60 -10.16 22.47
C SER A 83 11.04 -9.66 22.31
N THR A 84 11.18 -8.34 22.30
CA THR A 84 12.42 -7.68 21.92
C THR A 84 13.10 -7.02 23.11
N GLY A 85 12.44 -7.07 24.27
CA GLY A 85 13.00 -6.51 25.47
C GLY A 85 12.10 -6.44 26.67
N THR A 86 12.67 -6.02 27.78
CA THR A 86 12.00 -6.03 29.07
C THR A 86 12.08 -4.66 29.72
N VAL A 87 11.00 -4.26 30.39
CA VAL A 87 11.03 -3.08 31.26
C VAL A 87 10.61 -3.45 32.66
N SER A 88 11.19 -2.74 33.63
CA SER A 88 10.85 -2.91 35.03
C SER A 88 10.61 -1.57 35.68
N GLY A 89 9.77 -1.58 36.71
CA GLY A 89 9.43 -0.38 37.47
C GLY A 89 8.37 -0.65 38.49
N PHE A 90 7.46 0.29 38.65
CA PHE A 90 6.44 0.19 39.69
C PHE A 90 5.11 0.77 39.20
N LEU A 91 4.03 0.42 39.88
CA LEU A 91 2.70 0.89 39.51
C LEU A 91 2.40 2.27 40.10
N SER A 92 1.70 3.07 39.31
CA SER A 92 1.15 4.35 39.74
C SER A 92 -0.23 4.52 39.14
N GLN A 93 -1.02 5.40 39.75
CA GLN A 93 -2.33 5.76 39.22
C GLN A 93 -2.37 7.25 38.92
N ASP A 94 -2.91 7.60 37.75
CA ASP A 94 -3.17 8.99 37.37
C ASP A 94 -4.26 9.07 36.30
N ILE A 95 -4.67 10.31 36.01
CA ILE A 95 -5.54 10.63 34.90
C ILE A 95 -4.78 10.48 33.58
N ILE A 96 -5.36 9.75 32.63
CA ILE A 96 -4.79 9.59 31.29
C ILE A 96 -5.80 10.04 30.23
N THR A 97 -5.37 10.93 29.34
CA THR A 97 -6.18 11.31 28.18
C THR A 97 -5.68 10.60 26.93
N VAL A 98 -6.64 10.07 26.17
CA VAL A 98 -6.41 9.36 24.92
C VAL A 98 -7.65 9.60 24.07
N GLY A 99 -7.45 10.28 22.93
CA GLY A 99 -8.53 10.72 22.04
C GLY A 99 -9.60 11.59 22.69
N GLY A 100 -9.19 12.44 23.62
CA GLY A 100 -10.16 13.27 24.35
C GLY A 100 -11.05 12.52 25.32
N ILE A 101 -10.72 11.26 25.59
CA ILE A 101 -11.33 10.50 26.68
C ILE A 101 -10.35 10.51 27.85
N THR A 102 -10.88 10.85 29.03
CA THR A 102 -10.13 10.88 30.28
C THR A 102 -10.51 9.63 31.09
N VAL A 103 -9.49 8.83 31.45
CA VAL A 103 -9.66 7.71 32.37
C VAL A 103 -8.64 7.75 33.50
N THR A 104 -9.11 7.45 34.71
CA THR A 104 -8.24 7.14 35.83
C THR A 104 -7.67 5.74 35.57
N GLN A 105 -6.34 5.67 35.50
CA GLN A 105 -5.65 4.49 35.04
C GLN A 105 -4.41 4.19 35.86
N MET A 106 -4.32 2.94 36.31
CA MET A 106 -3.08 2.40 36.83
C MET A 106 -2.14 2.08 35.67
N PHE A 107 -0.87 2.44 35.83
CA PHE A 107 0.14 2.27 34.79
C PHE A 107 1.50 2.06 35.44
N GLY A 108 2.46 1.58 34.66
CA GLY A 108 3.81 1.38 35.14
C GLY A 108 4.66 2.63 34.93
N GLU A 109 5.31 3.06 36.00
CA GLU A 109 6.41 3.98 35.91
C GLU A 109 7.65 3.11 35.77
N VAL A 110 8.28 3.19 34.60
CA VAL A 110 9.42 2.33 34.31
C VAL A 110 10.72 3.01 34.78
N THR A 111 11.46 2.31 35.64
CA THR A 111 12.70 2.80 36.21
C THR A 111 13.91 2.05 35.66
N GLU A 112 13.65 0.99 34.90
CA GLU A 112 14.70 0.16 34.29
C GLU A 112 14.32 -0.12 32.84
N MET A 113 15.10 0.48 31.94
CA MET A 113 14.76 0.56 30.53
C MET A 113 16.04 0.40 29.70
N PRO A 114 16.35 -0.84 29.28
CA PRO A 114 17.60 -1.21 28.58
C PRO A 114 17.82 -0.43 27.29
N ALA A 115 19.05 0.03 27.10
CA ALA A 115 19.44 0.81 25.93
C ALA A 115 19.16 0.07 24.62
N LEU A 116 19.51 -1.21 24.58
CA LEU A 116 18.98 -2.08 23.54
C LEU A 116 17.81 -2.86 24.14
N PRO A 117 16.58 -2.67 23.65
CA PRO A 117 16.29 -1.96 22.40
C PRO A 117 15.79 -0.51 22.54
N PHE A 118 15.58 -0.03 23.75
CA PHE A 118 14.79 1.19 23.96
C PHE A 118 15.38 2.50 23.45
N MET A 119 16.70 2.52 23.18
CA MET A 119 17.34 3.62 22.43
C MET A 119 16.82 3.71 21.01
N LEU A 120 16.36 2.57 20.47
CA LEU A 120 15.89 2.48 19.10
C LEU A 120 14.40 2.74 18.99
N ALA A 121 13.76 3.03 20.12
CA ALA A 121 12.35 3.42 20.13
C ALA A 121 12.18 4.93 19.91
N GLU A 122 11.35 5.28 18.93
CA GLU A 122 10.82 6.64 18.79
C GLU A 122 9.79 6.95 19.88
N PHE A 123 8.96 5.96 20.19
CA PHE A 123 7.96 6.07 21.26
C PHE A 123 8.60 6.05 22.64
N ASP A 124 7.87 6.53 23.63
CA ASP A 124 8.27 6.52 25.04
C ASP A 124 7.75 5.29 25.79
N GLY A 125 6.49 4.94 25.53
CA GLY A 125 5.86 3.86 26.26
C GLY A 125 4.87 3.05 25.48
N VAL A 126 4.11 2.22 26.18
CA VAL A 126 3.16 1.31 25.54
C VAL A 126 1.80 1.44 26.21
N VAL A 127 0.75 1.42 25.39
CA VAL A 127 -0.62 1.28 25.86
C VAL A 127 -1.08 -0.10 25.39
N GLY A 128 -1.18 -1.04 26.32
CA GLY A 128 -1.64 -2.40 26.02
C GLY A 128 -3.12 -2.39 25.71
N MET A 129 -3.50 -3.05 24.61
CA MET A 129 -4.90 -3.14 24.17
C MET A 129 -5.44 -4.58 24.32
N GLY A 130 -4.66 -5.43 24.96
CA GLY A 130 -5.06 -6.80 25.25
C GLY A 130 -6.03 -6.88 26.42
N PHE A 131 -6.44 -8.10 26.75
CA PHE A 131 -7.44 -8.33 27.79
C PHE A 131 -6.80 -8.31 29.17
N ILE A 132 -7.63 -8.18 30.21
CA ILE A 132 -7.17 -8.22 31.61
C ILE A 132 -6.41 -9.52 31.96
N GLU A 133 -6.82 -10.63 31.35
CA GLU A 133 -6.21 -11.95 31.58
C GLU A 133 -4.70 -11.97 31.32
N GLN A 134 -4.25 -11.18 30.34
CA GLN A 134 -2.82 -11.07 30.02
C GLN A 134 -2.10 -9.93 30.77
N ALA A 135 -2.84 -9.18 31.60
CA ALA A 135 -2.28 -8.04 32.32
C ALA A 135 -1.46 -8.46 33.52
N ILE A 136 -0.23 -7.94 33.59
CA ILE A 136 0.71 -8.22 34.67
C ILE A 136 0.30 -7.40 35.88
N GLY A 137 0.18 -8.08 37.02
CA GLY A 137 -0.28 -7.48 38.28
C GLY A 137 -1.80 -7.37 38.35
N ARG A 138 -2.49 -8.05 37.45
CA ARG A 138 -3.96 -8.00 37.32
C ARG A 138 -4.55 -6.57 37.26
N VAL A 139 -3.77 -5.63 36.72
CA VAL A 139 -4.20 -4.23 36.57
C VAL A 139 -5.19 -4.11 35.41
N THR A 140 -6.30 -3.44 35.67
CA THR A 140 -7.32 -3.19 34.64
C THR A 140 -6.71 -2.45 33.43
N PRO A 141 -6.82 -3.05 32.23
CA PRO A 141 -6.31 -2.39 31.02
C PRO A 141 -7.10 -1.13 30.72
N ILE A 142 -6.47 -0.20 29.99
CA ILE A 142 -7.08 1.09 29.65
C ILE A 142 -8.44 0.99 28.92
N PHE A 143 -8.56 0.08 27.96
CA PHE A 143 -9.82 -0.06 27.23
C PHE A 143 -10.97 -0.54 28.11
N ASP A 144 -10.70 -1.47 29.03
CA ASP A 144 -11.71 -1.93 30.01
C ASP A 144 -12.21 -0.75 30.83
N ASN A 145 -11.28 0.11 31.23
CA ASN A 145 -11.60 1.34 31.94
C ASN A 145 -12.42 2.33 31.12
N ILE A 146 -12.10 2.46 29.83
CA ILE A 146 -12.89 3.29 28.91
C ILE A 146 -14.29 2.69 28.70
N ILE A 147 -14.39 1.36 28.67
CA ILE A 147 -15.67 0.65 28.55
C ILE A 147 -16.62 0.93 29.73
N SER A 148 -16.06 0.94 30.94
CA SER A 148 -16.82 1.18 32.19
C SER A 148 -17.58 2.49 32.20
N GLN A 149 -17.03 3.48 31.50
CA GLN A 149 -17.59 4.84 31.44
C GLN A 149 -18.92 4.92 30.67
N GLY A 150 -19.19 3.93 29.82
CA GLY A 150 -20.42 3.87 29.03
C GLY A 150 -20.58 5.04 28.07
N VAL A 151 -19.51 5.36 27.37
CA VAL A 151 -19.47 6.50 26.43
C VAL A 151 -19.26 6.06 24.99
N LEU A 152 -18.48 5.00 24.79
CA LEU A 152 -18.23 4.45 23.45
C LEU A 152 -19.49 3.83 22.84
N LYS A 153 -19.66 4.05 21.53
CA LYS A 153 -20.79 3.55 20.75
C LYS A 153 -20.82 2.02 20.67
N GLU A 154 -19.64 1.42 20.60
CA GLU A 154 -19.46 -0.03 20.52
C GLU A 154 -18.27 -0.48 21.36
N ASP A 155 -18.32 -1.74 21.82
CA ASP A 155 -17.21 -2.38 22.50
C ASP A 155 -16.14 -2.86 21.48
N VAL A 156 -15.66 -1.92 20.66
CA VAL A 156 -14.66 -2.19 19.62
C VAL A 156 -13.59 -1.09 19.52
N PHE A 157 -12.43 -1.47 19.01
CA PHE A 157 -11.44 -0.51 18.54
C PHE A 157 -10.82 -1.00 17.24
N SER A 158 -10.41 -0.04 16.41
CA SER A 158 -9.92 -0.34 15.07
C SER A 158 -8.58 0.31 14.79
N PHE A 159 -7.76 -0.37 14.01
CA PHE A 159 -6.44 0.11 13.62
C PHE A 159 -6.34 0.31 12.12
N TYR A 160 -5.82 1.48 11.75
CA TYR A 160 -5.33 1.74 10.42
C TYR A 160 -3.84 2.09 10.51
N TYR A 161 -3.01 1.35 9.78
CA TYR A 161 -1.59 1.69 9.59
C TYR A 161 -1.31 2.04 8.14
N ASN A 162 -0.86 3.28 7.91
CA ASN A 162 -0.51 3.79 6.58
C ASN A 162 0.91 3.35 6.19
N ARG A 163 1.28 3.63 4.93
CA ARG A 163 2.69 3.70 4.50
C ARG A 163 3.18 5.16 4.64
N ASP A 164 4.43 5.46 4.28
CA ASP A 164 4.95 6.85 4.39
C ASP A 164 6.05 7.22 3.40
N SER A 168 4.71 12.10 2.74
CA SER A 168 5.43 11.92 3.99
C SER A 168 5.05 12.94 5.08
N GLN A 169 4.28 13.96 4.70
CA GLN A 169 3.57 14.84 5.63
C GLN A 169 2.07 14.57 5.52
N SER A 170 1.69 13.34 5.87
CA SER A 170 0.31 12.84 5.82
C SER A 170 0.05 11.94 7.05
N LEU A 171 -1.14 11.36 7.11
CA LEU A 171 -1.59 10.54 8.25
C LEU A 171 -0.85 9.21 8.38
N GLY A 172 -0.02 9.08 9.41
CA GLY A 172 0.75 7.86 9.64
C GLY A 172 -0.05 6.64 10.08
N GLY A 173 -1.15 6.89 10.79
CA GLY A 173 -2.06 5.83 11.20
C GLY A 173 -3.21 6.41 11.96
N GLN A 174 -4.13 5.55 12.41
CA GLN A 174 -5.32 5.98 13.15
C GLN A 174 -5.94 4.84 13.95
N ILE A 175 -6.23 5.11 15.21
CA ILE A 175 -7.01 4.21 16.05
C ILE A 175 -8.35 4.87 16.36
N VAL A 176 -9.43 4.20 15.98
CA VAL A 176 -10.77 4.60 16.40
C VAL A 176 -11.13 3.77 17.62
N LEU A 177 -11.47 4.46 18.71
CA LEU A 177 -12.02 3.82 19.89
C LEU A 177 -13.53 3.96 19.83
N GLY A 178 -14.22 2.83 19.77
CA GLY A 178 -15.69 2.80 19.78
C GLY A 178 -16.34 2.51 18.43
N GLY A 179 -15.51 2.33 17.40
CA GLY A 179 -15.99 2.00 16.07
C GLY A 179 -14.85 1.77 15.11
N SER A 180 -15.17 1.89 13.83
CA SER A 180 -14.17 1.89 12.76
C SER A 180 -14.35 3.15 11.92
N ASP A 181 -13.40 3.44 11.05
CA ASP A 181 -13.50 4.59 10.14
C ASP A 181 -13.57 4.14 8.67
N PRO A 182 -14.77 4.27 8.04
CA PRO A 182 -15.01 3.80 6.65
C PRO A 182 -14.13 4.49 5.61
N GLN A 183 -13.56 5.65 5.95
CA GLN A 183 -12.64 6.38 5.08
C GLN A 183 -11.29 5.67 4.88
N HIS A 184 -10.97 4.68 5.73
CA HIS A 184 -9.72 3.91 5.66
C HIS A 184 -9.84 2.42 5.31
N TYR A 185 -11.05 1.95 5.01
CA TYR A 185 -11.28 0.57 4.57
C TYR A 185 -12.32 0.49 3.46
N GLU A 186 -12.32 -0.62 2.73
CA GLU A 186 -13.30 -0.84 1.65
C GLU A 186 -13.67 -2.31 1.57
N GLY A 187 -14.78 -2.58 0.89
CA GLY A 187 -15.43 -3.89 0.94
C GLY A 187 -15.95 -4.18 2.34
N ASN A 188 -16.28 -5.45 2.57
CA ASN A 188 -16.82 -5.89 3.85
C ASN A 188 -15.75 -6.33 4.81
N PHE A 189 -16.02 -6.18 6.10
CA PHE A 189 -15.26 -6.87 7.12
C PHE A 189 -15.57 -8.36 7.04
N HIS A 190 -14.52 -9.17 7.18
CA HIS A 190 -14.66 -10.60 7.32
C HIS A 190 -14.09 -10.98 8.68
N TYR A 191 -14.94 -11.60 9.49
CA TYR A 191 -14.65 -11.83 10.89
C TYR A 191 -14.16 -13.24 11.14
N ILE A 192 -13.23 -13.34 12.09
CA ILE A 192 -12.76 -14.61 12.63
C ILE A 192 -12.90 -14.52 14.16
N ASN A 193 -13.56 -15.52 14.76
CA ASN A 193 -13.67 -15.62 16.22
C ASN A 193 -12.32 -15.95 16.84
N LEU A 194 -12.08 -15.39 18.02
CA LEU A 194 -10.93 -15.73 18.86
C LEU A 194 -10.98 -17.19 19.31
N ILE A 195 -9.80 -17.80 19.40
CA ILE A 195 -9.61 -19.12 20.05
C ILE A 195 -10.28 -19.10 21.43
N LYS A 196 -9.91 -18.10 22.23
CA LYS A 196 -10.49 -17.85 23.55
C LYS A 196 -10.44 -16.34 23.82
N THR A 197 -11.39 -15.86 24.63
CA THR A 197 -11.30 -14.51 25.22
C THR A 197 -10.07 -14.44 26.13
N GLY A 198 -9.40 -13.30 26.12
CA GLY A 198 -8.19 -13.14 26.92
C GLY A 198 -6.96 -12.79 26.10
N VAL A 199 -6.93 -13.27 24.86
CA VAL A 199 -5.83 -13.05 23.92
C VAL A 199 -6.41 -12.73 22.54
N TRP A 200 -5.85 -11.73 21.86
CA TRP A 200 -6.24 -11.38 20.49
C TRP A 200 -5.60 -12.35 19.48
N GLN A 201 -6.00 -13.60 19.57
CA GLN A 201 -5.41 -14.69 18.81
C GLN A 201 -6.54 -15.46 18.13
N ILE A 202 -6.28 -15.88 16.90
CA ILE A 202 -7.26 -16.56 16.07
C ILE A 202 -6.65 -17.80 15.41
N GLN A 203 -7.50 -18.76 15.09
CA GLN A 203 -7.10 -19.91 14.27
C GLN A 203 -6.62 -19.43 12.89
N MET A 204 -5.53 -20.02 12.41
CA MET A 204 -5.07 -19.84 11.04
C MET A 204 -5.02 -21.21 10.35
N LYS A 205 -5.61 -21.28 9.16
CA LYS A 205 -5.82 -22.55 8.46
C LYS A 205 -4.67 -22.92 7.50
N GLY A 206 -3.80 -21.97 7.18
CA GLY A 206 -2.67 -22.22 6.29
C GLY A 206 -1.87 -20.99 5.91
N VAL A 207 -0.61 -21.21 5.55
CA VAL A 207 0.25 -20.18 4.99
C VAL A 207 0.74 -20.68 3.63
N SER A 208 0.53 -19.86 2.60
CA SER A 208 0.96 -20.19 1.24
C SER A 208 2.08 -19.32 0.75
N VAL A 209 3.03 -19.94 0.05
CA VAL A 209 4.03 -19.23 -0.73
C VAL A 209 3.72 -19.54 -2.20
N GLY A 210 3.31 -18.51 -2.93
CA GLY A 210 2.87 -18.66 -4.32
C GLY A 210 1.38 -18.90 -4.43
N THR A 213 0.36 -24.84 -0.57
CA THR A 213 0.34 -24.47 0.83
C THR A 213 1.51 -25.15 1.57
N LEU A 214 2.62 -24.42 1.64
CA LEU A 214 3.88 -24.94 2.21
C LEU A 214 3.87 -25.08 3.73
N LEU A 215 3.17 -24.17 4.43
CA LEU A 215 3.22 -24.09 5.90
C LEU A 215 1.86 -24.08 6.59
N CYS A 216 1.86 -24.40 7.88
CA CYS A 216 0.65 -24.40 8.74
C CYS A 216 -0.52 -25.21 8.14
N GLU A 217 -0.21 -26.36 7.54
CA GLU A 217 -1.20 -27.13 6.77
C GLU A 217 -2.20 -27.95 7.61
N ASP A 218 -1.91 -28.06 8.90
CA ASP A 218 -2.83 -28.70 9.87
C ASP A 218 -3.58 -27.68 10.72
N GLY A 219 -3.23 -26.40 10.55
CA GLY A 219 -3.78 -25.34 11.38
C GLY A 219 -2.76 -24.87 12.40
N CYS A 220 -2.77 -23.57 12.67
CA CYS A 220 -1.86 -22.95 13.65
C CYS A 220 -2.49 -21.70 14.22
N LEU A 221 -1.74 -21.02 15.09
CA LEU A 221 -2.25 -19.82 15.75
C LEU A 221 -1.69 -18.54 15.13
N ALA A 222 -2.53 -17.50 15.12
CA ALA A 222 -2.14 -16.19 14.64
C ALA A 222 -2.52 -15.11 15.64
N LEU A 223 -1.51 -14.51 16.24
CA LEU A 223 -1.69 -13.38 17.14
C LEU A 223 -1.78 -12.11 16.31
N VAL A 224 -2.91 -11.41 16.41
CA VAL A 224 -3.08 -10.15 15.67
C VAL A 224 -2.52 -9.02 16.52
N ASP A 225 -1.27 -8.67 16.25
CA ASP A 225 -0.42 -7.89 17.15
C ASP A 225 -0.08 -6.50 16.59
N THR A 226 -0.83 -5.50 17.03
CA THR A 226 -0.62 -4.11 16.59
C THR A 226 0.72 -3.51 17.04
N GLY A 227 1.35 -4.14 18.02
CA GLY A 227 2.66 -3.74 18.55
C GLY A 227 3.85 -4.47 17.95
N ALA A 228 3.59 -5.52 17.16
CA ALA A 228 4.63 -6.18 16.36
C ALA A 228 4.82 -5.43 15.04
N SER A 229 6.08 -5.17 14.68
CA SER A 229 6.40 -4.50 13.42
C SER A 229 6.17 -5.40 12.21
N TYR A 230 6.42 -6.69 12.41
CA TYR A 230 6.51 -7.61 11.32
C TYR A 230 5.45 -8.69 11.42
N ILE A 231 5.41 -9.54 10.40
CA ILE A 231 4.76 -10.83 10.50
C ILE A 231 5.84 -11.75 11.03
N SER A 232 5.55 -12.45 12.12
CA SER A 232 6.47 -13.44 12.63
C SER A 232 5.83 -14.82 12.70
N GLY A 233 6.65 -15.84 12.49
CA GLY A 233 6.27 -17.23 12.76
C GLY A 233 7.32 -17.82 13.66
N SER A 234 7.15 -19.10 14.00
CA SER A 234 8.17 -19.88 14.71
C SER A 234 9.45 -20.01 13.86
N THR A 235 10.57 -20.28 14.53
CA THR A 235 11.89 -20.36 13.88
C THR A 235 11.88 -21.30 12.67
N SER A 236 11.43 -22.53 12.89
CA SER A 236 11.39 -23.54 11.81
C SER A 236 10.39 -23.17 10.71
N SER A 237 9.28 -22.52 11.08
CA SER A 237 8.30 -22.03 10.10
C SER A 237 8.87 -20.95 9.18
N ILE A 238 9.64 -20.02 9.77
CA ILE A 238 10.27 -18.93 9.03
C ILE A 238 11.44 -19.45 8.19
N GLU A 239 12.30 -20.29 8.79
CA GLU A 239 13.36 -20.99 8.05
C GLU A 239 12.88 -21.66 6.76
N LYS A 240 11.70 -22.29 6.82
CA LYS A 240 11.08 -22.95 5.65
C LYS A 240 10.46 -21.94 4.69
N LEU A 241 9.82 -20.90 5.23
CA LEU A 241 9.28 -19.78 4.46
C LEU A 241 10.39 -19.11 3.65
N MET A 242 11.52 -18.84 4.31
CA MET A 242 12.65 -18.12 3.73
C MET A 242 13.45 -18.91 2.70
N GLU A 243 13.59 -20.21 2.95
CA GLU A 243 14.15 -21.15 1.97
C GLU A 243 13.42 -21.03 0.63
N ALA A 244 12.08 -21.01 0.69
CA ALA A 244 11.21 -20.89 -0.50
C ALA A 244 11.33 -19.53 -1.22
N LEU A 245 11.65 -18.48 -0.46
CA LEU A 245 11.86 -17.13 -0.99
C LEU A 245 13.29 -16.91 -1.53
N GLY A 246 14.21 -17.81 -1.19
CA GLY A 246 15.63 -17.64 -1.52
C GLY A 246 16.29 -16.55 -0.68
N ALA A 247 15.78 -16.37 0.54
CA ALA A 247 16.28 -15.36 1.47
C ALA A 247 17.31 -15.95 2.43
N LYS A 248 18.37 -15.18 2.69
CA LYS A 248 19.43 -15.61 3.61
C LYS A 248 19.26 -14.97 4.99
N LYS A 249 19.63 -15.74 6.01
CA LYS A 249 19.47 -15.36 7.41
C LYS A 249 20.60 -14.46 7.86
N ARG A 250 20.23 -13.37 8.50
CA ARG A 250 21.17 -12.54 9.24
C ARG A 250 20.77 -12.62 10.70
N LEU A 251 21.49 -11.92 11.56
CA LEU A 251 21.29 -12.02 13.01
C LEU A 251 19.87 -11.65 13.47
N PHE A 252 19.37 -10.52 12.99
CA PHE A 252 18.07 -10.00 13.42
C PHE A 252 16.98 -10.10 12.36
N ASP A 253 17.36 -10.35 11.12
CA ASP A 253 16.42 -10.35 10.00
C ASP A 253 16.79 -11.33 8.90
N TYR A 254 15.88 -11.48 7.95
CA TYR A 254 16.19 -12.12 6.68
C TYR A 254 16.28 -11.07 5.60
N VAL A 255 17.21 -11.30 4.68
CA VAL A 255 17.41 -10.42 3.53
C VAL A 255 17.40 -11.19 2.24
N VAL A 256 16.95 -10.51 1.20
CA VAL A 256 17.07 -10.97 -0.16
C VAL A 256 17.91 -9.90 -0.90
N LYS A 257 18.53 -10.26 -2.02
CA LYS A 257 19.24 -9.27 -2.85
C LYS A 257 18.19 -8.37 -3.49
N CYS A 258 18.40 -7.05 -3.39
CA CYS A 258 17.36 -6.05 -3.72
C CYS A 258 16.71 -6.21 -5.09
N ASN A 259 17.50 -6.61 -6.08
CA ASN A 259 17.03 -6.86 -7.43
C ASN A 259 15.96 -7.94 -7.53
N GLU A 260 16.10 -9.00 -6.74
CA GLU A 260 15.17 -10.14 -6.82
C GLU A 260 13.94 -9.94 -5.95
N GLY A 261 13.90 -8.79 -5.27
CA GLY A 261 12.79 -8.36 -4.44
C GLY A 261 11.41 -8.36 -5.09
N PRO A 262 11.23 -7.63 -6.23
CA PRO A 262 9.90 -7.62 -6.87
C PRO A 262 9.44 -8.95 -7.48
N THR A 263 10.38 -9.88 -7.72
CA THR A 263 10.10 -11.19 -8.31
C THR A 263 9.72 -12.26 -7.26
N LEU A 264 9.78 -11.89 -5.99
CA LEU A 264 9.42 -12.76 -4.88
C LEU A 264 7.91 -13.11 -4.91
N PRO A 265 7.56 -14.39 -4.63
CA PRO A 265 6.15 -14.82 -4.70
C PRO A 265 5.23 -14.15 -3.68
N ASP A 266 3.92 -14.31 -3.88
CA ASP A 266 2.89 -13.91 -2.94
C ASP A 266 2.89 -14.80 -1.69
N ILE A 267 2.58 -14.19 -0.55
CA ILE A 267 2.40 -14.93 0.71
C ILE A 267 0.97 -14.75 1.20
N SER A 268 0.27 -15.87 1.37
CA SER A 268 -1.14 -15.87 1.72
C SER A 268 -1.42 -16.52 3.06
N PHE A 269 -2.26 -15.87 3.86
CA PHE A 269 -2.60 -16.34 5.19
C PHE A 269 -4.08 -16.69 5.16
N HIS A 270 -4.40 -17.94 5.49
CA HIS A 270 -5.75 -18.47 5.40
C HIS A 270 -6.48 -18.24 6.73
N LEU A 271 -7.25 -17.16 6.79
CA LEU A 271 -7.98 -16.77 8.00
C LEU A 271 -9.50 -16.73 7.81
N GLY A 272 -10.18 -17.56 8.58
CA GLY A 272 -11.65 -17.64 8.63
C GLY A 272 -12.39 -17.69 7.31
N GLY A 273 -11.92 -18.52 6.38
CA GLY A 273 -12.59 -18.70 5.09
C GLY A 273 -11.96 -17.95 3.93
N LYS A 274 -11.58 -16.68 4.18
CA LYS A 274 -10.93 -15.82 3.18
C LYS A 274 -9.41 -16.04 3.14
N GLU A 275 -8.80 -15.69 2.02
CA GLU A 275 -7.35 -15.84 1.83
C GLU A 275 -6.72 -14.45 1.73
N TYR A 276 -5.87 -14.11 2.71
CA TYR A 276 -5.26 -12.79 2.85
C TYR A 276 -3.85 -12.71 2.24
N THR A 277 -3.77 -12.16 1.04
CA THR A 277 -2.56 -12.24 0.23
C THR A 277 -1.72 -10.98 0.34
N LEU A 278 -0.42 -11.17 0.51
CA LEU A 278 0.55 -10.09 0.42
C LEU A 278 1.47 -10.33 -0.79
N THR A 279 1.64 -9.30 -1.61
CA THR A 279 2.68 -9.31 -2.66
C THR A 279 4.03 -8.90 -2.03
N SER A 280 5.12 -9.14 -2.76
CA SER A 280 6.46 -8.72 -2.35
C SER A 280 6.54 -7.24 -1.95
N ALA A 281 5.81 -6.39 -2.66
CA ALA A 281 5.69 -4.97 -2.33
C ALA A 281 5.13 -4.72 -0.92
N ASP A 282 4.32 -5.67 -0.41
CA ASP A 282 3.74 -5.57 0.93
C ASP A 282 4.67 -6.06 2.04
N TYR A 283 5.72 -6.82 1.70
CA TYR A 283 6.63 -7.38 2.72
C TYR A 283 8.14 -7.13 2.52
N VAL A 284 8.52 -6.54 1.38
CA VAL A 284 9.93 -6.20 1.12
C VAL A 284 10.13 -4.69 1.34
N PHE A 285 11.17 -4.35 2.10
CA PHE A 285 11.67 -2.97 2.14
C PHE A 285 12.50 -2.69 0.89
N GLN A 286 11.83 -2.33 -0.21
CA GLN A 286 12.50 -1.89 -1.45
C GLN A 286 13.16 -0.54 -1.28
N GLU A 287 14.45 -0.53 -0.97
CA GLU A 287 15.20 0.72 -0.82
C GLU A 287 16.15 0.94 -1.97
N SER A 288 16.32 -0.11 -2.77
CA SER A 288 17.23 -0.15 -3.91
C SER A 288 16.74 -1.23 -4.87
N TYR A 289 17.23 -1.21 -6.11
CA TYR A 289 16.96 -2.27 -7.09
C TYR A 289 18.25 -2.98 -7.52
N SER A 290 19.34 -2.67 -6.81
CA SER A 290 20.67 -3.19 -7.09
C SER A 290 20.82 -4.67 -6.68
N SER A 291 21.61 -5.40 -7.45
CA SER A 291 21.96 -6.79 -7.12
C SER A 291 23.01 -6.87 -6.01
N LYS A 292 23.84 -5.83 -5.91
CA LYS A 292 24.93 -5.76 -4.93
C LYS A 292 24.53 -5.15 -3.57
N LYS A 293 23.23 -4.92 -3.37
CA LYS A 293 22.68 -4.43 -2.10
C LYS A 293 21.70 -5.45 -1.53
N LEU A 294 21.55 -5.46 -0.21
CA LEU A 294 20.62 -6.37 0.46
C LEU A 294 19.39 -5.62 0.98
N CYS A 295 18.24 -6.27 0.86
CA CYS A 295 16.97 -5.68 1.26
C CYS A 295 16.28 -6.53 2.33
N THR A 296 15.80 -5.87 3.38
CA THR A 296 15.17 -6.55 4.51
C THR A 296 13.73 -6.93 4.22
N LEU A 297 13.33 -8.12 4.69
CA LEU A 297 11.95 -8.54 4.63
C LEU A 297 11.25 -8.24 5.93
N ALA A 298 9.98 -7.82 5.82
CA ALA A 298 9.15 -7.47 6.96
C ALA A 298 8.47 -8.71 7.59
N ILE A 299 9.14 -9.85 7.50
CA ILE A 299 8.73 -11.10 8.11
C ILE A 299 9.92 -11.63 8.91
N HIS A 300 9.71 -11.92 10.18
CA HIS A 300 10.78 -12.31 11.10
C HIS A 300 10.51 -13.66 11.77
N ALA A 301 11.55 -14.23 12.38
CA ALA A 301 11.39 -15.38 13.26
C ALA A 301 11.23 -14.88 14.70
N MET A 302 10.19 -15.37 15.38
CA MET A 302 9.97 -15.07 16.80
C MET A 302 9.31 -16.28 17.45
N ASP A 303 10.03 -16.89 18.39
CA ASP A 303 9.46 -18.00 19.14
C ASP A 303 8.78 -17.50 20.39
N ILE A 304 7.49 -17.21 20.24
CA ILE A 304 6.63 -16.77 21.32
C ILE A 304 6.37 -17.98 22.25
N PRO A 305 6.60 -17.80 23.57
CA PRO A 305 6.50 -18.92 24.51
C PRO A 305 5.04 -19.34 24.85
N PRO A 306 4.84 -20.60 25.27
CA PRO A 306 3.59 -21.04 25.93
C PRO A 306 3.17 -20.11 27.09
N PRO A 307 1.85 -19.96 27.35
CA PRO A 307 0.78 -20.67 26.65
C PRO A 307 0.27 -19.99 25.36
N THR A 308 0.69 -18.75 25.11
CA THR A 308 0.37 -18.01 23.89
C THR A 308 0.97 -18.71 22.65
N GLY A 309 2.22 -19.15 22.78
CA GLY A 309 2.95 -19.80 21.68
C GLY A 309 2.99 -21.33 21.72
N PRO A 310 3.52 -21.97 20.66
CA PRO A 310 4.02 -21.28 19.46
C PRO A 310 2.90 -20.69 18.62
N THR A 311 3.15 -19.49 18.09
CA THR A 311 2.15 -18.75 17.31
C THR A 311 2.80 -17.83 16.27
N TRP A 312 2.09 -17.61 15.18
CA TRP A 312 2.43 -16.55 14.25
C TRP A 312 1.98 -15.23 14.88
N ALA A 313 2.65 -14.14 14.52
CA ALA A 313 2.18 -12.81 14.88
C ALA A 313 1.94 -11.99 13.62
N LEU A 314 0.72 -11.48 13.49
CA LEU A 314 0.37 -10.64 12.36
C LEU A 314 0.46 -9.18 12.82
N GLY A 315 1.56 -8.55 12.45
CA GLY A 315 1.86 -7.19 12.86
C GLY A 315 1.60 -6.13 11.82
N ALA A 316 2.39 -5.06 11.89
CA ALA A 316 2.23 -3.88 11.04
C ALA A 316 2.27 -4.21 9.53
N THR A 317 3.09 -5.19 9.16
CA THR A 317 3.16 -5.71 7.79
C THR A 317 1.77 -6.18 7.31
N PHE A 318 1.05 -6.91 8.16
CA PHE A 318 -0.29 -7.39 7.84
C PHE A 318 -1.33 -6.28 7.91
N ILE A 319 -1.33 -5.53 9.03
CA ILE A 319 -2.30 -4.46 9.30
C ILE A 319 -2.25 -3.32 8.28
N ARG A 320 -1.08 -3.04 7.72
CA ARG A 320 -0.96 -2.05 6.63
C ARG A 320 -1.89 -2.38 5.47
N LYS A 321 -1.90 -3.65 5.06
CA LYS A 321 -2.78 -4.09 3.99
C LYS A 321 -4.24 -4.24 4.45
N PHE A 322 -4.42 -4.68 5.70
CA PHE A 322 -5.76 -4.98 6.20
C PHE A 322 -6.15 -4.19 7.43
N TYR A 323 -7.09 -3.27 7.24
CA TYR A 323 -7.74 -2.53 8.32
C TYR A 323 -8.35 -3.55 9.29
N THR A 324 -7.99 -3.41 10.57
CA THR A 324 -8.35 -4.41 11.58
C THR A 324 -9.29 -3.84 12.63
N GLU A 325 -10.42 -4.50 12.83
CA GLU A 325 -11.33 -4.17 13.92
C GLU A 325 -11.20 -5.22 15.01
N PHE A 326 -11.04 -4.75 16.25
CA PHE A 326 -10.95 -5.62 17.40
C PHE A 326 -12.26 -5.55 18.19
N ASP A 327 -13.06 -6.60 18.08
CA ASP A 327 -14.38 -6.64 18.70
C ASP A 327 -14.36 -7.37 20.05
N ARG A 328 -14.49 -6.61 21.13
CA ARG A 328 -14.57 -7.19 22.48
C ARG A 328 -15.96 -7.76 22.85
N ARG A 329 -17.04 -7.14 22.35
CA ARG A 329 -18.40 -7.60 22.66
C ARG A 329 -18.67 -9.00 22.11
N ASN A 330 -18.16 -9.27 20.91
CA ASN A 330 -18.37 -10.54 20.22
C ASN A 330 -17.13 -11.45 20.12
N ASN A 331 -16.06 -11.08 20.83
CA ASN A 331 -14.78 -11.82 20.88
C ASN A 331 -14.23 -12.32 19.51
N ARG A 332 -14.13 -11.38 18.59
CA ARG A 332 -13.72 -11.63 17.21
C ARG A 332 -12.76 -10.55 16.73
N ILE A 333 -12.16 -10.79 15.56
CA ILE A 333 -11.36 -9.80 14.86
C ILE A 333 -11.94 -9.67 13.46
N GLY A 334 -12.13 -8.44 13.01
CA GLY A 334 -12.57 -8.14 11.65
C GLY A 334 -11.43 -7.61 10.80
N PHE A 335 -11.37 -8.09 9.56
CA PHE A 335 -10.41 -7.58 8.58
C PHE A 335 -11.12 -7.03 7.35
N ALA A 336 -10.70 -5.85 6.93
CA ALA A 336 -11.13 -5.30 5.65
C ALA A 336 -9.92 -4.71 4.91
N LEU A 337 -10.02 -4.60 3.58
CA LEU A 337 -8.99 -3.99 2.74
C LEU A 337 -8.76 -2.52 3.11
N ALA A 338 -7.56 -2.18 3.54
CA ALA A 338 -7.22 -0.79 3.88
C ALA A 338 -7.13 0.09 2.64
N ARG A 339 -7.39 1.40 2.83
CA ARG A 339 -7.31 2.38 1.76
C ARG A 339 -6.61 3.69 2.18
N LEU B 2 -25.57 5.04 -10.76
CA LEU B 2 -24.95 5.91 -9.70
C LEU B 2 -25.46 5.61 -8.27
N GLY B 3 -24.51 5.38 -7.36
CA GLY B 3 -24.78 5.13 -5.95
C GLY B 3 -23.84 5.88 -5.03
N ASN B 4 -23.33 5.17 -4.02
CA ASN B 4 -22.74 5.77 -2.83
C ASN B 4 -21.21 5.62 -2.69
N THR B 5 -20.62 4.69 -3.46
CA THR B 5 -19.27 4.21 -3.16
C THR B 5 -18.15 4.60 -4.13
N THR B 6 -16.93 4.62 -3.60
CA THR B 6 -15.71 4.60 -4.40
C THR B 6 -14.92 3.33 -4.06
N SER B 7 -13.94 3.02 -4.90
CA SER B 7 -13.05 1.89 -4.69
C SER B 7 -11.65 2.27 -5.14
N SER B 8 -10.71 2.19 -4.21
CA SER B 8 -9.33 2.52 -4.49
C SER B 8 -8.44 1.27 -4.54
N VAL B 9 -7.43 1.31 -5.40
CA VAL B 9 -6.43 0.24 -5.49
C VAL B 9 -5.06 0.88 -5.35
N ILE B 10 -4.31 0.45 -4.32
CA ILE B 10 -2.93 0.89 -4.07
C ILE B 10 -2.02 0.30 -5.16
N LEU B 11 -1.17 1.16 -5.73
CA LEU B 11 -0.27 0.74 -6.80
C LEU B 11 1.17 0.66 -6.32
N THR B 12 1.88 -0.33 -6.84
CA THR B 12 3.32 -0.44 -6.69
C THR B 12 3.98 0.36 -7.81
N ASN B 13 4.90 1.25 -7.45
CA ASN B 13 5.76 1.94 -8.39
C ASN B 13 7.06 1.15 -8.53
N TYR B 14 7.21 0.49 -9.67
CA TYR B 14 8.49 -0.10 -10.04
C TYR B 14 9.24 0.85 -10.98
N MET B 15 10.33 1.41 -10.45
CA MET B 15 11.34 2.17 -11.22
C MET B 15 10.84 3.42 -11.95
N ASP B 16 9.69 3.96 -11.55
CA ASP B 16 8.99 5.02 -12.27
C ASP B 16 8.53 4.63 -13.67
N THR B 17 8.69 3.35 -14.02
CA THR B 17 8.29 2.85 -15.35
C THR B 17 7.07 1.94 -15.34
N GLN B 18 6.82 1.27 -14.22
CA GLN B 18 5.70 0.33 -14.13
C GLN B 18 4.89 0.59 -12.88
N TYR B 19 3.61 0.84 -13.08
CA TYR B 19 2.65 1.05 -12.00
C TYR B 19 1.58 0.00 -12.11
N TYR B 20 1.42 -0.78 -11.04
CA TYR B 20 0.51 -1.93 -11.05
C TYR B 20 -0.08 -2.21 -9.68
N GLY B 21 -1.32 -2.63 -9.67
CA GLY B 21 -2.03 -2.99 -8.44
C GLY B 21 -2.58 -4.38 -8.53
N GLU B 22 -3.42 -4.74 -7.57
CA GLU B 22 -3.92 -6.10 -7.45
C GLU B 22 -5.40 -6.23 -7.75
N ILE B 23 -5.73 -7.25 -8.53
CA ILE B 23 -7.10 -7.72 -8.71
C ILE B 23 -7.14 -9.20 -8.31
N GLY B 24 -8.32 -9.66 -7.85
CA GLY B 24 -8.57 -11.07 -7.63
C GLY B 24 -9.43 -11.62 -8.76
N ILE B 25 -9.17 -12.86 -9.17
CA ILE B 25 -10.01 -13.56 -10.15
C ILE B 25 -10.45 -14.94 -9.61
N GLY B 26 -11.76 -15.12 -9.47
CA GLY B 26 -12.33 -16.39 -9.07
C GLY B 26 -12.84 -16.51 -7.65
N THR B 27 -13.39 -17.69 -7.34
CA THR B 27 -13.84 -18.06 -6.01
C THR B 27 -13.16 -19.40 -5.68
N PRO B 28 -12.16 -19.43 -4.78
CA PRO B 28 -11.63 -18.23 -4.09
C PRO B 28 -10.77 -17.34 -5.00
N PRO B 29 -10.62 -16.03 -4.65
CA PRO B 29 -9.82 -15.11 -5.47
C PRO B 29 -8.36 -15.50 -5.64
N GLN B 30 -7.89 -15.46 -6.89
CA GLN B 30 -6.48 -15.61 -7.23
C GLN B 30 -5.93 -14.22 -7.56
N THR B 31 -4.86 -13.82 -6.86
CA THR B 31 -4.38 -12.44 -6.90
C THR B 31 -3.30 -12.20 -7.95
N PHE B 32 -3.57 -11.27 -8.87
CA PHE B 32 -2.62 -10.87 -9.90
C PHE B 32 -2.24 -9.41 -9.78
N LYS B 33 -0.97 -9.13 -10.07
CA LYS B 33 -0.50 -7.75 -10.22
C LYS B 33 -0.86 -7.31 -11.63
N VAL B 34 -1.59 -6.19 -11.76
CA VAL B 34 -2.05 -5.71 -13.08
C VAL B 34 -1.77 -4.23 -13.32
N VAL B 35 -1.45 -3.89 -14.57
CA VAL B 35 -1.39 -2.51 -15.01
C VAL B 35 -2.80 -2.07 -15.36
N PHE B 36 -3.21 -0.93 -14.82
CA PHE B 36 -4.46 -0.31 -15.18
C PHE B 36 -4.22 0.66 -16.34
N ASP B 37 -4.68 0.28 -17.53
CA ASP B 37 -4.23 0.85 -18.80
C ASP B 37 -5.35 1.52 -19.60
N THR B 38 -5.33 2.86 -19.63
CA THR B 38 -6.28 3.65 -20.40
C THR B 38 -6.08 3.53 -21.92
N GLY B 39 -4.91 3.06 -22.33
CA GLY B 39 -4.59 2.83 -23.74
C GLY B 39 -5.19 1.60 -24.37
N SER B 40 -5.84 0.75 -23.57
CA SER B 40 -6.51 -0.47 -24.08
C SER B 40 -7.78 -0.80 -23.29
N SER B 41 -8.54 -1.78 -23.76
CA SER B 41 -9.87 -2.04 -23.22
C SER B 41 -10.17 -3.48 -22.80
N ASN B 42 -9.14 -4.32 -22.81
CA ASN B 42 -9.29 -5.71 -22.40
C ASN B 42 -8.65 -6.02 -21.06
N VAL B 43 -9.24 -6.96 -20.33
CA VAL B 43 -8.61 -7.56 -19.16
C VAL B 43 -7.95 -8.84 -19.63
N TRP B 44 -6.66 -9.00 -19.33
CA TRP B 44 -5.99 -10.27 -19.54
C TRP B 44 -4.98 -10.61 -18.45
N VAL B 45 -4.95 -11.90 -18.10
CA VAL B 45 -3.93 -12.46 -17.21
C VAL B 45 -3.30 -13.68 -17.87
N PRO B 46 -2.06 -14.06 -17.46
CA PRO B 46 -1.50 -15.33 -17.93
C PRO B 46 -2.31 -16.53 -17.43
N SER B 47 -2.37 -17.57 -18.27
CA SER B 47 -3.14 -18.78 -17.99
C SER B 47 -2.26 -19.89 -17.43
N SER B 48 -2.88 -20.82 -16.69
CA SER B 48 -2.25 -22.07 -16.27
C SER B 48 -2.07 -23.01 -17.46
N LYS B 49 -2.93 -22.86 -18.47
CA LYS B 49 -2.80 -23.55 -19.76
C LYS B 49 -1.72 -22.93 -20.67
N CYS B 50 -0.97 -21.95 -20.14
CA CYS B 50 0.23 -21.41 -20.80
C CYS B 50 1.33 -22.46 -20.83
N SER B 51 2.14 -22.45 -21.89
CA SER B 51 3.33 -23.28 -22.00
C SER B 51 4.33 -22.91 -20.91
N ARG B 52 4.98 -23.93 -20.35
CA ARG B 52 6.03 -23.75 -19.35
C ARG B 52 7.32 -23.21 -19.98
N LEU B 53 7.47 -23.45 -21.28
CA LEU B 53 8.69 -23.12 -22.04
C LEU B 53 8.90 -21.63 -22.30
N TYR B 54 7.84 -20.83 -22.12
CA TYR B 54 7.94 -19.38 -22.02
C TYR B 54 8.37 -19.06 -20.60
N THR B 55 9.59 -18.52 -20.45
CA THR B 55 10.18 -18.15 -19.15
C THR B 55 9.27 -17.22 -18.34
N ALA B 56 8.52 -16.37 -19.05
CA ALA B 56 7.55 -15.45 -18.44
C ALA B 56 6.40 -16.17 -17.72
N CYS B 57 6.00 -17.33 -18.24
CA CYS B 57 4.94 -18.15 -17.62
C CYS B 57 5.45 -19.04 -16.47
N VAL B 58 6.65 -18.73 -15.99
CA VAL B 58 7.26 -19.38 -14.80
C VAL B 58 7.45 -18.34 -13.69
N TYR B 59 7.94 -17.15 -14.05
CA TYR B 59 8.17 -16.05 -13.09
C TYR B 59 6.99 -15.08 -12.97
N HIS B 60 5.80 -15.56 -13.35
CA HIS B 60 4.54 -14.85 -13.12
C HIS B 60 3.50 -15.80 -12.55
N LYS B 61 2.54 -15.23 -11.83
CA LYS B 61 1.38 -15.98 -11.36
C LYS B 61 0.45 -16.27 -12.54
N LEU B 62 -0.06 -17.49 -12.60
CA LEU B 62 -0.94 -17.90 -13.69
C LEU B 62 -2.33 -18.18 -13.13
N PHE B 63 -3.36 -17.77 -13.89
CA PHE B 63 -4.74 -18.10 -13.54
C PHE B 63 -5.06 -19.56 -13.83
N ASP B 64 -5.62 -20.22 -12.84
CA ASP B 64 -5.98 -21.63 -12.92
C ASP B 64 -7.50 -21.75 -12.78
N ALA B 65 -8.17 -21.93 -13.92
CA ALA B 65 -9.63 -21.95 -14.01
C ALA B 65 -10.30 -23.05 -13.17
N SER B 66 -9.65 -24.21 -13.07
CA SER B 66 -10.19 -25.36 -12.33
C SER B 66 -10.28 -25.15 -10.81
N ASP B 67 -9.54 -24.16 -10.29
CA ASP B 67 -9.60 -23.77 -8.89
C ASP B 67 -10.60 -22.65 -8.60
N SER B 68 -11.58 -22.47 -9.50
CA SER B 68 -12.59 -21.43 -9.32
C SER B 68 -14.01 -21.92 -9.57
N SER B 69 -14.81 -21.93 -8.51
CA SER B 69 -16.20 -22.37 -8.57
C SER B 69 -17.13 -21.37 -9.30
N SER B 70 -16.57 -20.21 -9.67
CA SER B 70 -17.32 -19.18 -10.41
C SER B 70 -16.85 -18.96 -11.85
N TYR B 71 -15.88 -19.75 -12.30
CA TYR B 71 -15.43 -19.75 -13.69
C TYR B 71 -16.49 -20.29 -14.64
N LYS B 72 -16.73 -19.56 -15.72
CA LYS B 72 -17.57 -20.00 -16.84
C LYS B 72 -16.72 -20.01 -18.12
N HIS B 73 -16.69 -21.16 -18.79
CA HIS B 73 -15.90 -21.38 -19.99
C HIS B 73 -16.41 -20.55 -21.17
N ASN B 74 -15.49 -20.01 -21.97
CA ASN B 74 -15.84 -19.44 -23.27
C ASN B 74 -14.94 -19.97 -24.40
N GLY B 75 -13.64 -19.75 -24.27
CA GLY B 75 -12.64 -20.36 -25.17
C GLY B 75 -12.35 -19.67 -26.49
N THR B 76 -13.06 -18.57 -26.78
CA THR B 76 -12.86 -17.78 -28.01
C THR B 76 -11.43 -17.25 -28.10
N GLU B 77 -10.77 -17.53 -29.23
CA GLU B 77 -9.41 -17.07 -29.53
C GLU B 77 -9.40 -15.54 -29.66
N LEU B 78 -8.37 -14.91 -29.12
CA LEU B 78 -8.18 -13.46 -29.20
C LEU B 78 -6.71 -13.08 -29.17
N THR B 79 -6.37 -12.03 -29.93
CA THR B 79 -5.02 -11.50 -29.98
C THR B 79 -5.01 -10.02 -29.57
N LEU B 80 -4.32 -9.72 -28.46
CA LEU B 80 -4.11 -8.36 -27.97
C LEU B 80 -2.68 -7.91 -28.28
N ARG B 81 -2.55 -6.72 -28.89
CA ARG B 81 -1.25 -6.17 -29.28
C ARG B 81 -0.94 -4.87 -28.53
N THR B 86 2.57 -7.79 -27.90
CA THR B 86 1.79 -8.76 -28.67
C THR B 86 1.57 -10.07 -27.90
N VAL B 87 0.29 -10.45 -27.78
CA VAL B 87 -0.16 -11.49 -26.87
C VAL B 87 -1.41 -12.20 -27.40
N SER B 88 -1.43 -13.52 -27.28
CA SER B 88 -2.56 -14.32 -27.72
C SER B 88 -3.04 -15.23 -26.60
N GLY B 89 -4.33 -15.51 -26.60
CA GLY B 89 -4.94 -16.45 -25.67
C GLY B 89 -6.40 -16.70 -25.97
N PHE B 90 -7.13 -17.13 -24.94
CA PHE B 90 -8.56 -17.43 -25.05
C PHE B 90 -9.40 -16.65 -24.03
N LEU B 91 -10.70 -16.52 -24.34
CA LEU B 91 -11.63 -15.74 -23.52
C LEU B 91 -12.26 -16.58 -22.41
N SER B 92 -12.30 -16.01 -21.21
CA SER B 92 -12.85 -16.65 -20.02
C SER B 92 -13.74 -15.68 -19.24
N GLN B 93 -14.62 -16.23 -18.41
CA GLN B 93 -15.48 -15.43 -17.53
C GLN B 93 -15.36 -15.85 -16.06
N ASP B 94 -15.19 -14.85 -15.19
CA ASP B 94 -15.15 -15.07 -13.74
C ASP B 94 -15.45 -13.79 -12.97
N ILE B 95 -15.55 -13.91 -11.65
CA ILE B 95 -15.69 -12.77 -10.74
C ILE B 95 -14.31 -12.15 -10.46
N ILE B 96 -14.19 -10.85 -10.76
CA ILE B 96 -12.96 -10.09 -10.51
C ILE B 96 -13.13 -9.11 -9.34
N THR B 97 -12.23 -9.18 -8.36
CA THR B 97 -12.21 -8.25 -7.22
C THR B 97 -11.24 -7.09 -7.49
N VAL B 98 -11.78 -5.87 -7.49
CA VAL B 98 -10.98 -4.65 -7.66
C VAL B 98 -11.36 -3.75 -6.50
N GLY B 99 -10.46 -3.62 -5.53
CA GLY B 99 -10.74 -2.87 -4.31
C GLY B 99 -11.84 -3.55 -3.51
N GLY B 100 -12.96 -2.86 -3.33
CA GLY B 100 -14.10 -3.43 -2.59
C GLY B 100 -15.26 -3.85 -3.47
N ILE B 101 -14.95 -4.13 -4.73
CA ILE B 101 -15.97 -4.40 -5.75
C ILE B 101 -15.73 -5.73 -6.47
N THR B 102 -16.78 -6.54 -6.54
CA THR B 102 -16.77 -7.78 -7.31
C THR B 102 -17.61 -7.59 -8.58
N VAL B 103 -17.03 -7.95 -9.72
CA VAL B 103 -17.73 -7.84 -11.01
C VAL B 103 -17.52 -9.09 -11.86
N THR B 104 -18.62 -9.61 -12.41
CA THR B 104 -18.58 -10.66 -13.41
C THR B 104 -18.02 -10.05 -14.69
N GLN B 105 -16.84 -10.54 -15.08
CA GLN B 105 -16.05 -9.98 -16.15
C GLN B 105 -15.58 -11.04 -17.13
N MET B 106 -15.63 -10.68 -18.41
CA MET B 106 -15.01 -11.47 -19.47
C MET B 106 -13.56 -10.99 -19.61
N PHE B 107 -12.62 -11.92 -19.55
CA PHE B 107 -11.20 -11.60 -19.62
C PHE B 107 -10.44 -12.59 -20.52
N GLY B 108 -9.24 -12.19 -20.94
CA GLY B 108 -8.36 -13.07 -21.70
C GLY B 108 -7.46 -13.89 -20.81
N GLU B 109 -7.46 -15.20 -21.02
CA GLU B 109 -6.44 -16.08 -20.46
C GLU B 109 -5.33 -16.18 -21.49
N VAL B 110 -4.11 -15.85 -21.09
CA VAL B 110 -2.99 -15.74 -22.04
C VAL B 110 -2.07 -16.96 -22.00
N THR B 111 -1.82 -17.51 -23.19
CA THR B 111 -1.01 -18.73 -23.37
C THR B 111 0.28 -18.44 -24.15
N GLU B 112 0.33 -17.27 -24.79
CA GLU B 112 1.43 -16.87 -25.65
C GLU B 112 2.09 -15.60 -25.09
N MET B 113 3.09 -15.79 -24.25
CA MET B 113 3.74 -14.69 -23.54
C MET B 113 5.27 -14.66 -23.74
N PRO B 114 5.75 -13.99 -24.81
CA PRO B 114 7.18 -14.03 -25.16
C PRO B 114 8.07 -13.19 -24.21
N ALA B 115 9.34 -13.58 -24.12
CA ALA B 115 10.35 -12.92 -23.27
C ALA B 115 10.41 -11.39 -23.46
N LEU B 116 10.44 -10.95 -24.71
CA LEU B 116 10.24 -9.53 -25.04
C LEU B 116 8.76 -9.33 -25.41
N PRO B 117 8.02 -8.49 -24.68
CA PRO B 117 8.54 -7.70 -23.57
C PRO B 117 8.23 -8.22 -22.15
N PHE B 118 7.60 -9.38 -22.04
CA PHE B 118 7.00 -9.80 -20.75
C PHE B 118 7.93 -10.35 -19.67
N MET B 119 9.22 -10.50 -19.97
CA MET B 119 10.24 -10.71 -18.93
C MET B 119 10.70 -9.38 -18.31
N LEU B 120 10.33 -8.27 -18.95
CA LEU B 120 10.43 -6.92 -18.37
C LEU B 120 9.32 -6.64 -17.37
N ALA B 121 8.18 -7.30 -17.57
CA ALA B 121 6.97 -7.06 -16.78
C ALA B 121 7.10 -7.60 -15.35
N GLU B 122 7.04 -6.68 -14.38
CA GLU B 122 7.00 -7.03 -12.95
C GLU B 122 5.57 -7.36 -12.53
N PHE B 123 4.63 -6.93 -13.37
CA PHE B 123 3.21 -7.22 -13.24
C PHE B 123 2.89 -8.46 -14.06
N ASP B 124 1.74 -9.05 -13.79
CA ASP B 124 1.29 -10.25 -14.47
C ASP B 124 0.49 -9.91 -15.70
N GLY B 125 -0.48 -9.00 -15.56
CA GLY B 125 -1.43 -8.73 -16.62
C GLY B 125 -1.92 -7.30 -16.73
N VAL B 126 -2.95 -7.11 -17.54
CA VAL B 126 -3.46 -5.79 -17.89
C VAL B 126 -4.95 -5.75 -17.62
N VAL B 127 -5.40 -4.64 -17.02
CA VAL B 127 -6.80 -4.31 -16.86
C VAL B 127 -7.02 -3.05 -17.68
N GLY B 128 -7.60 -3.25 -18.87
CA GLY B 128 -7.82 -2.18 -19.83
C GLY B 128 -8.90 -1.23 -19.34
N MET B 129 -8.56 0.06 -19.33
CA MET B 129 -9.44 1.11 -18.80
C MET B 129 -10.07 1.96 -19.91
N GLY B 130 -9.81 1.59 -21.16
CA GLY B 130 -10.36 2.27 -22.32
C GLY B 130 -11.79 1.86 -22.64
N PHE B 131 -12.28 2.37 -23.77
CA PHE B 131 -13.67 2.21 -24.21
C PHE B 131 -13.88 0.92 -24.98
N ILE B 132 -15.14 0.44 -25.00
CA ILE B 132 -15.53 -0.79 -25.71
C ILE B 132 -15.10 -0.81 -27.19
N GLU B 133 -15.14 0.35 -27.84
CA GLU B 133 -14.77 0.49 -29.26
C GLU B 133 -13.37 0.00 -29.61
N GLN B 134 -12.49 -0.06 -28.61
CA GLN B 134 -11.11 -0.50 -28.80
C GLN B 134 -10.81 -1.86 -28.15
N ALA B 135 -11.84 -2.46 -27.55
CA ALA B 135 -11.74 -3.80 -27.01
C ALA B 135 -11.70 -4.81 -28.14
N ILE B 136 -10.67 -5.66 -28.14
CA ILE B 136 -10.55 -6.74 -29.11
C ILE B 136 -11.62 -7.78 -28.81
N GLY B 137 -12.42 -8.09 -29.83
CA GLY B 137 -13.53 -9.04 -29.74
C GLY B 137 -14.78 -8.49 -29.07
N ARG B 138 -14.95 -7.16 -29.17
CA ARG B 138 -16.12 -6.42 -28.63
C ARG B 138 -16.59 -6.77 -27.20
N VAL B 139 -15.69 -7.34 -26.41
CA VAL B 139 -15.96 -7.70 -25.00
C VAL B 139 -16.01 -6.43 -24.15
N THR B 140 -17.08 -6.33 -23.37
CA THR B 140 -17.33 -5.23 -22.44
C THR B 140 -16.15 -5.03 -21.47
N PRO B 141 -15.54 -3.82 -21.46
CA PRO B 141 -14.47 -3.51 -20.52
C PRO B 141 -14.96 -3.50 -19.08
N ILE B 142 -14.03 -3.71 -18.14
CA ILE B 142 -14.36 -3.87 -16.71
C ILE B 142 -15.05 -2.64 -16.07
N PHE B 143 -14.68 -1.44 -16.49
CA PHE B 143 -15.28 -0.23 -15.90
C PHE B 143 -16.74 -0.10 -16.33
N ASP B 144 -17.04 -0.42 -17.59
CA ASP B 144 -18.42 -0.42 -18.10
C ASP B 144 -19.31 -1.41 -17.35
N ASN B 145 -18.77 -2.59 -17.06
CA ASN B 145 -19.45 -3.59 -16.24
C ASN B 145 -19.68 -3.13 -14.81
N ILE B 146 -18.68 -2.44 -14.24
CA ILE B 146 -18.76 -1.85 -12.90
C ILE B 146 -19.78 -0.70 -12.85
N ILE B 147 -19.84 0.10 -13.91
CA ILE B 147 -20.81 1.19 -14.01
C ILE B 147 -22.23 0.64 -14.06
N SER B 148 -22.44 -0.44 -14.83
CA SER B 148 -23.72 -1.16 -14.91
C SER B 148 -24.28 -1.55 -13.54
N GLN B 149 -23.38 -1.81 -12.58
CA GLN B 149 -23.75 -2.17 -11.20
C GLN B 149 -24.44 -1.04 -10.45
N GLY B 150 -24.14 0.20 -10.84
CA GLY B 150 -24.78 1.40 -10.29
C GLY B 150 -24.49 1.65 -8.82
N VAL B 151 -23.25 1.42 -8.41
CA VAL B 151 -22.81 1.62 -7.02
C VAL B 151 -21.82 2.78 -6.88
N LEU B 152 -21.08 3.05 -7.96
CA LEU B 152 -20.09 4.13 -8.00
C LEU B 152 -20.71 5.53 -7.91
N LYS B 153 -20.09 6.38 -7.11
CA LYS B 153 -20.58 7.73 -6.84
C LYS B 153 -20.57 8.60 -8.11
N GLU B 154 -19.48 8.56 -8.86
CA GLU B 154 -19.40 9.21 -10.16
C GLU B 154 -18.89 8.24 -11.24
N ASP B 155 -19.27 8.50 -12.48
CA ASP B 155 -18.86 7.68 -13.63
C ASP B 155 -17.45 8.11 -14.06
N VAL B 156 -16.49 7.80 -13.20
CA VAL B 156 -15.19 8.48 -13.19
C VAL B 156 -14.15 7.56 -12.57
N PHE B 157 -12.91 7.63 -13.05
CA PHE B 157 -11.80 6.99 -12.37
C PHE B 157 -10.52 7.81 -12.44
N SER B 158 -9.74 7.73 -11.39
CA SER B 158 -8.62 8.62 -11.20
C SER B 158 -7.33 7.87 -10.92
N PHE B 159 -6.24 8.42 -11.44
CA PHE B 159 -4.90 7.88 -11.32
C PHE B 159 -3.97 8.82 -10.58
N TYR B 160 -3.36 8.32 -9.51
CA TYR B 160 -2.19 8.93 -8.89
C TYR B 160 -0.99 8.03 -9.12
N TYR B 161 0.09 8.61 -9.63
CA TYR B 161 1.39 7.95 -9.74
C TYR B 161 2.42 8.75 -8.94
N ASN B 162 3.00 8.13 -7.92
CA ASN B 162 4.07 8.75 -7.13
C ASN B 162 5.41 8.68 -7.86
N ARG B 163 6.37 9.47 -7.39
CA ARG B 163 7.76 9.43 -7.81
C ARG B 163 8.51 8.43 -6.92
N ASP B 164 9.57 7.81 -7.44
CA ASP B 164 10.31 6.77 -6.72
C ASP B 164 11.40 7.35 -5.80
N SER B 165 11.69 6.60 -4.73
CA SER B 165 12.78 6.94 -3.79
C SER B 165 13.38 5.71 -3.09
N GLN B 169 9.85 4.30 1.62
CA GLN B 169 8.97 3.15 1.36
C GLN B 169 7.52 3.56 1.08
N SER B 170 7.34 4.76 0.50
CA SER B 170 6.03 5.38 0.26
C SER B 170 5.10 4.61 -0.70
N LEU B 171 3.81 4.99 -0.74
CA LEU B 171 2.87 4.36 -1.66
C LEU B 171 3.27 4.71 -3.09
N GLY B 172 3.21 3.72 -3.97
CA GLY B 172 3.68 3.89 -5.34
C GLY B 172 2.70 4.60 -6.23
N GLY B 173 1.42 4.50 -5.86
CA GLY B 173 0.34 5.14 -6.59
C GLY B 173 -1.01 4.66 -6.11
N GLN B 174 -2.05 5.21 -6.72
CA GLN B 174 -3.43 4.88 -6.36
C GLN B 174 -4.38 5.16 -7.53
N ILE B 175 -5.22 4.17 -7.81
CA ILE B 175 -6.39 4.37 -8.68
C ILE B 175 -7.65 4.42 -7.82
N VAL B 176 -8.47 5.45 -8.05
CA VAL B 176 -9.78 5.53 -7.41
C VAL B 176 -10.83 5.33 -8.48
N LEU B 177 -11.63 4.28 -8.35
CA LEU B 177 -12.80 4.05 -9.19
C LEU B 177 -14.03 4.69 -8.56
N GLY B 178 -14.68 5.58 -9.30
CA GLY B 178 -15.89 6.26 -8.84
C GLY B 178 -15.69 7.67 -8.29
N GLY B 179 -14.45 8.13 -8.25
CA GLY B 179 -14.14 9.48 -7.78
C GLY B 179 -12.67 9.82 -7.86
N SER B 180 -12.24 10.73 -6.99
CA SER B 180 -10.85 11.14 -6.88
C SER B 180 -10.42 11.21 -5.42
N ASP B 181 -9.11 11.30 -5.19
CA ASP B 181 -8.59 11.43 -3.83
C ASP B 181 -7.91 12.80 -3.64
N PRO B 182 -8.60 13.72 -2.96
CA PRO B 182 -8.06 15.07 -2.67
C PRO B 182 -6.67 15.08 -1.99
N GLN B 183 -6.38 14.06 -1.16
CA GLN B 183 -5.06 13.93 -0.53
C GLN B 183 -3.89 13.85 -1.52
N HIS B 184 -4.17 13.50 -2.78
CA HIS B 184 -3.12 13.35 -3.80
C HIS B 184 -3.08 14.39 -4.93
N TYR B 185 -3.94 15.41 -4.83
CA TYR B 185 -3.80 16.58 -5.71
C TYR B 185 -3.98 17.91 -4.99
N GLU B 186 -3.63 18.96 -5.72
CA GLU B 186 -3.63 20.32 -5.23
C GLU B 186 -4.65 21.11 -6.03
N GLY B 187 -5.54 21.80 -5.33
CA GLY B 187 -6.57 22.60 -5.95
C GLY B 187 -7.66 21.79 -6.63
N ASN B 188 -8.16 22.33 -7.74
CA ASN B 188 -9.27 21.74 -8.48
C ASN B 188 -8.86 21.31 -9.87
N PHE B 189 -9.58 20.34 -10.42
CA PHE B 189 -9.38 19.90 -11.80
C PHE B 189 -9.74 20.96 -12.86
N HIS B 190 -8.92 21.00 -13.91
CA HIS B 190 -9.30 21.57 -15.19
C HIS B 190 -9.45 20.41 -16.18
N TYR B 191 -10.53 20.45 -16.96
CA TYR B 191 -10.88 19.35 -17.86
C TYR B 191 -10.62 19.69 -19.33
N ILE B 192 -10.26 18.67 -20.09
CA ILE B 192 -10.12 18.75 -21.55
C ILE B 192 -11.00 17.65 -22.12
N ASN B 193 -11.92 18.04 -22.98
CA ASN B 193 -12.81 17.11 -23.65
C ASN B 193 -12.05 16.25 -24.65
N LEU B 194 -12.52 15.01 -24.83
CA LEU B 194 -12.01 14.13 -25.88
C LEU B 194 -12.43 14.66 -27.25
N ILE B 195 -11.61 14.40 -28.26
CA ILE B 195 -11.90 14.72 -29.66
C ILE B 195 -13.14 13.94 -30.13
N LYS B 196 -13.20 12.67 -29.73
CA LYS B 196 -14.33 11.79 -30.01
C LYS B 196 -14.40 10.69 -28.97
N THR B 197 -15.58 10.08 -28.85
CA THR B 197 -15.78 8.94 -27.94
C THR B 197 -14.95 7.74 -28.41
N GLY B 198 -14.66 6.81 -27.50
CA GLY B 198 -13.99 5.57 -27.88
C GLY B 198 -12.50 5.46 -27.63
N VAL B 199 -11.85 6.57 -27.29
CA VAL B 199 -10.42 6.62 -27.05
C VAL B 199 -10.08 7.82 -26.14
N TRP B 200 -9.27 7.59 -25.11
CA TRP B 200 -8.80 8.65 -24.20
C TRP B 200 -7.75 9.54 -24.87
N GLN B 201 -8.20 10.26 -25.89
CA GLN B 201 -7.32 11.07 -26.71
C GLN B 201 -7.87 12.50 -26.75
N ILE B 202 -6.97 13.46 -26.53
CA ILE B 202 -7.35 14.87 -26.51
C ILE B 202 -6.53 15.66 -27.54
N GLN B 203 -7.09 16.78 -28.00
CA GLN B 203 -6.39 17.73 -28.86
C GLN B 203 -5.29 18.39 -28.05
N MET B 204 -4.10 18.51 -28.64
CA MET B 204 -3.00 19.28 -28.05
C MET B 204 -2.69 20.48 -28.95
N LYS B 205 -2.49 21.63 -28.31
CA LYS B 205 -2.44 22.91 -29.02
C LYS B 205 -1.01 23.47 -29.16
N GLY B 206 -0.02 22.72 -28.67
CA GLY B 206 1.38 23.14 -28.73
C GLY B 206 2.27 22.37 -27.76
N VAL B 207 3.52 22.14 -28.16
CA VAL B 207 4.54 21.64 -27.23
C VAL B 207 5.67 22.67 -27.17
N SER B 208 5.86 23.22 -25.98
CA SER B 208 6.82 24.30 -25.77
C SER B 208 8.08 23.88 -25.04
N VAL B 209 9.22 24.29 -25.59
CA VAL B 209 10.51 24.20 -24.94
C VAL B 209 10.85 25.62 -24.52
N GLY B 210 10.86 25.85 -23.20
CA GLY B 210 10.91 27.21 -22.65
C GLY B 210 9.66 27.98 -23.04
N SER B 211 9.83 29.23 -23.45
CA SER B 211 8.71 30.10 -23.85
C SER B 211 8.22 29.88 -25.29
N SER B 212 9.11 29.38 -26.17
CA SER B 212 8.81 29.20 -27.59
C SER B 212 8.17 27.84 -27.92
N THR B 213 7.01 27.90 -28.59
CA THR B 213 6.30 26.71 -29.08
C THR B 213 7.05 26.09 -30.28
N LEU B 214 7.87 25.11 -29.96
CA LEU B 214 8.72 24.41 -30.90
C LEU B 214 7.92 23.44 -31.77
N LEU B 215 7.07 22.65 -31.12
CA LEU B 215 6.36 21.53 -31.76
C LEU B 215 4.87 21.69 -31.60
N CYS B 216 4.10 20.97 -32.43
CA CYS B 216 2.63 20.90 -32.32
C CYS B 216 1.95 22.25 -32.61
N GLU B 217 2.58 23.04 -33.47
CA GLU B 217 2.18 24.42 -33.73
C GLU B 217 0.77 24.55 -34.30
N ASP B 218 0.38 23.57 -35.12
CA ASP B 218 -0.94 23.52 -35.77
C ASP B 218 -1.91 22.54 -35.10
N GLY B 219 -1.51 21.98 -33.97
CA GLY B 219 -2.33 20.99 -33.26
C GLY B 219 -1.89 19.55 -33.45
N CYS B 220 -2.09 18.74 -32.39
CA CYS B 220 -1.80 17.30 -32.37
C CYS B 220 -2.86 16.55 -31.61
N LEU B 221 -2.61 15.25 -31.47
CA LEU B 221 -3.35 14.37 -30.61
C LEU B 221 -2.48 13.99 -29.44
N ALA B 222 -3.11 13.81 -28.27
CA ALA B 222 -2.44 13.33 -27.08
C ALA B 222 -3.30 12.26 -26.45
N LEU B 223 -2.77 11.04 -26.44
CA LEU B 223 -3.38 9.92 -25.78
C LEU B 223 -2.97 9.99 -24.32
N VAL B 224 -3.94 10.10 -23.42
CA VAL B 224 -3.61 10.11 -21.99
C VAL B 224 -3.57 8.66 -21.52
N ASP B 225 -2.35 8.13 -21.50
CA ASP B 225 -2.09 6.70 -21.47
C ASP B 225 -1.43 6.23 -20.18
N THR B 226 -2.25 5.72 -19.26
CA THR B 226 -1.79 5.27 -17.95
C THR B 226 -0.93 4.01 -17.99
N GLY B 227 -1.07 3.22 -19.05
CA GLY B 227 -0.26 2.02 -19.24
C GLY B 227 1.08 2.19 -19.95
N ALA B 228 1.44 3.44 -20.23
CA ALA B 228 2.71 3.80 -20.89
C ALA B 228 3.64 4.49 -19.91
N SER B 229 4.92 4.11 -19.94
CA SER B 229 5.91 4.59 -18.97
C SER B 229 6.20 6.08 -19.11
N TYR B 230 6.28 6.56 -20.35
CA TYR B 230 6.86 7.86 -20.65
C TYR B 230 5.89 8.83 -21.33
N ILE B 231 6.37 10.06 -21.54
CA ILE B 231 5.77 10.93 -22.54
C ILE B 231 6.41 10.51 -23.86
N SER B 232 5.57 10.23 -24.85
CA SER B 232 6.07 9.90 -26.17
C SER B 232 5.48 10.78 -27.25
N GLY B 233 6.23 10.93 -28.34
CA GLY B 233 5.76 11.52 -29.58
C GLY B 233 6.28 10.70 -30.74
N SER B 234 6.00 11.15 -31.97
CA SER B 234 6.57 10.52 -33.16
C SER B 234 8.08 10.69 -33.17
N THR B 235 8.78 9.79 -33.86
CA THR B 235 10.25 9.85 -34.04
C THR B 235 10.74 11.26 -34.38
N SER B 236 10.13 11.89 -35.39
CA SER B 236 10.49 13.25 -35.80
C SER B 236 10.22 14.27 -34.71
N SER B 237 9.04 14.20 -34.09
CA SER B 237 8.71 15.08 -32.95
C SER B 237 9.80 15.02 -31.87
N ILE B 238 10.12 13.81 -31.43
CA ILE B 238 11.11 13.59 -30.38
C ILE B 238 12.53 13.99 -30.81
N GLU B 239 12.87 13.76 -32.10
CA GLU B 239 14.16 14.20 -32.63
C GLU B 239 14.36 15.70 -32.50
N LYS B 240 13.38 16.47 -32.97
CA LYS B 240 13.39 17.94 -32.92
C LYS B 240 13.30 18.47 -31.48
N LEU B 241 12.65 17.70 -30.61
CA LEU B 241 12.59 17.99 -29.18
C LEU B 241 13.97 17.81 -28.51
N MET B 242 14.61 16.67 -28.79
CA MET B 242 15.88 16.33 -28.17
C MET B 242 17.01 17.20 -28.70
N GLU B 243 16.88 17.64 -29.95
CA GLU B 243 17.82 18.57 -30.56
C GLU B 243 17.78 19.91 -29.81
N ALA B 244 16.57 20.37 -29.49
CA ALA B 244 16.34 21.59 -28.73
C ALA B 244 16.81 21.48 -27.28
N LEU B 245 16.70 20.28 -26.72
CA LEU B 245 17.17 19.99 -25.37
C LEU B 245 18.70 19.81 -25.25
N GLY B 246 19.37 19.55 -26.37
CA GLY B 246 20.81 19.22 -26.38
C GLY B 246 21.10 17.76 -26.05
N ALA B 247 20.04 16.94 -26.04
CA ALA B 247 20.11 15.51 -25.75
C ALA B 247 20.45 14.67 -26.99
N LYS B 248 21.19 13.59 -26.76
CA LYS B 248 21.73 12.74 -27.82
C LYS B 248 21.34 11.26 -27.67
N LYS B 249 21.19 10.57 -28.80
CA LYS B 249 20.95 9.13 -28.85
C LYS B 249 22.22 8.37 -28.51
N ARG B 250 22.20 7.73 -27.34
CA ARG B 250 23.30 6.93 -26.80
C ARG B 250 23.62 5.76 -27.73
N LEU B 251 22.81 4.72 -27.62
CA LEU B 251 22.81 3.56 -28.51
C LEU B 251 21.38 3.01 -28.54
N PHE B 252 20.61 3.34 -27.51
CA PHE B 252 19.20 2.95 -27.39
C PHE B 252 18.30 4.14 -27.04
N ASP B 253 18.77 4.96 -26.10
CA ASP B 253 17.98 6.05 -25.50
C ASP B 253 18.60 7.42 -25.67
N TYR B 254 17.79 8.46 -25.45
CA TYR B 254 18.28 9.84 -25.41
C TYR B 254 18.85 10.17 -24.04
N VAL B 255 20.04 10.78 -24.02
CA VAL B 255 20.75 11.12 -22.77
C VAL B 255 21.27 12.57 -22.66
N VAL B 256 21.42 13.02 -21.41
CA VAL B 256 22.14 14.25 -21.08
C VAL B 256 23.22 13.95 -20.03
N LYS B 257 24.24 14.81 -19.97
CA LYS B 257 25.17 14.84 -18.84
C LYS B 257 24.34 15.15 -17.59
N CYS B 258 24.50 14.31 -16.55
CA CYS B 258 23.63 14.37 -15.36
C CYS B 258 23.61 15.73 -14.69
N ASN B 259 24.77 16.37 -14.60
CA ASN B 259 24.89 17.74 -14.08
C ASN B 259 24.14 18.78 -14.88
N GLU B 260 24.00 18.57 -16.19
CA GLU B 260 23.34 19.54 -17.08
C GLU B 260 21.81 19.42 -17.07
N GLY B 261 21.30 18.35 -16.46
CA GLY B 261 19.86 18.16 -16.24
C GLY B 261 19.14 19.40 -15.71
N PRO B 262 19.59 19.97 -14.56
CA PRO B 262 19.01 21.20 -14.01
C PRO B 262 19.13 22.47 -14.87
N THR B 263 19.81 22.41 -16.02
CA THR B 263 19.93 23.55 -16.94
C THR B 263 18.93 23.49 -18.09
N LEU B 264 18.38 22.29 -18.30
CA LEU B 264 17.40 22.06 -19.37
C LEU B 264 16.12 22.84 -19.10
N PRO B 265 15.46 23.33 -20.16
CA PRO B 265 14.28 24.17 -19.92
C PRO B 265 12.99 23.37 -19.66
N ASP B 266 12.00 24.04 -19.08
CA ASP B 266 10.67 23.48 -18.90
C ASP B 266 10.07 23.06 -20.24
N ILE B 267 9.37 21.93 -20.23
CA ILE B 267 8.58 21.50 -21.39
C ILE B 267 7.09 21.68 -21.06
N SER B 268 6.39 22.43 -21.90
CA SER B 268 4.97 22.72 -21.72
C SER B 268 4.09 22.07 -22.76
N PHE B 269 2.97 21.49 -22.30
CA PHE B 269 1.98 20.90 -23.19
C PHE B 269 0.71 21.73 -23.09
N HIS B 270 0.34 22.36 -24.21
CA HIS B 270 -0.87 23.19 -24.26
C HIS B 270 -2.12 22.32 -24.43
N LEU B 271 -2.88 22.18 -23.34
CA LEU B 271 -4.05 21.32 -23.31
C LEU B 271 -5.25 22.07 -22.76
N GLY B 272 -6.30 22.16 -23.58
CA GLY B 272 -7.55 22.82 -23.22
C GLY B 272 -7.41 24.24 -22.70
N GLY B 273 -6.54 25.03 -23.34
CA GLY B 273 -6.33 26.43 -22.96
C GLY B 273 -5.24 26.64 -21.93
N LYS B 274 -5.18 25.76 -20.92
CA LYS B 274 -4.11 25.76 -19.92
C LYS B 274 -2.79 25.17 -20.44
N GLU B 275 -1.68 25.59 -19.84
CA GLU B 275 -0.34 25.09 -20.14
C GLU B 275 0.14 24.11 -19.07
N TYR B 276 0.40 22.87 -19.47
CA TYR B 276 0.86 21.83 -18.55
C TYR B 276 2.39 21.68 -18.62
N THR B 277 3.03 22.17 -17.56
CA THR B 277 4.47 22.40 -17.56
C THR B 277 5.21 21.37 -16.71
N LEU B 278 6.14 20.64 -17.33
CA LEU B 278 7.07 19.78 -16.63
C LEU B 278 8.45 20.43 -16.61
N THR B 279 9.04 20.52 -15.41
CA THR B 279 10.42 21.02 -15.24
C THR B 279 11.37 19.87 -15.51
N SER B 280 12.65 20.18 -15.74
CA SER B 280 13.70 19.18 -15.96
C SER B 280 13.72 18.07 -14.91
N ALA B 281 13.48 18.42 -13.65
CA ALA B 281 13.33 17.45 -12.56
C ALA B 281 12.21 16.43 -12.83
N ASP B 282 11.13 16.89 -13.47
CA ASP B 282 9.98 16.04 -13.81
C ASP B 282 10.20 15.11 -14.99
N TYR B 283 11.22 15.39 -15.83
CA TYR B 283 11.44 14.58 -17.04
C TYR B 283 12.86 14.00 -17.25
N VAL B 284 13.82 14.45 -16.46
CA VAL B 284 15.14 13.82 -16.48
C VAL B 284 15.20 12.83 -15.31
N PHE B 285 15.62 11.60 -15.59
CA PHE B 285 15.88 10.61 -14.55
C PHE B 285 17.21 10.95 -13.90
N GLN B 286 17.13 11.77 -12.84
CA GLN B 286 18.33 12.24 -12.15
C GLN B 286 18.86 11.17 -11.18
N GLU B 287 19.29 10.04 -11.74
CA GLU B 287 19.91 8.93 -11.00
C GLU B 287 21.22 9.33 -10.31
N SER B 288 21.67 10.55 -10.63
CA SER B 288 22.98 11.11 -10.31
C SER B 288 22.96 12.60 -10.70
N TYR B 289 23.92 13.38 -10.21
CA TYR B 289 24.07 14.79 -10.64
C TYR B 289 25.51 15.08 -11.09
N SER B 290 26.23 13.99 -11.34
CA SER B 290 27.64 13.98 -11.70
C SER B 290 27.93 14.54 -13.09
N SER B 291 28.99 15.33 -13.19
CA SER B 291 29.56 15.77 -14.47
C SER B 291 30.22 14.58 -15.21
N LYS B 292 30.36 13.46 -14.49
CA LYS B 292 31.03 12.26 -14.95
C LYS B 292 30.07 11.16 -15.43
N LYS B 293 28.77 11.38 -15.27
CA LYS B 293 27.74 10.38 -15.58
C LYS B 293 26.63 10.87 -16.53
N LEU B 294 26.06 9.94 -17.29
CA LEU B 294 24.94 10.23 -18.21
C LEU B 294 23.59 9.87 -17.63
N CYS B 295 22.59 10.71 -17.91
CA CYS B 295 21.24 10.55 -17.38
C CYS B 295 20.21 10.44 -18.51
N THR B 296 19.31 9.48 -18.39
CA THR B 296 18.29 9.24 -19.41
C THR B 296 17.07 10.12 -19.17
N LEU B 297 16.35 10.45 -20.23
CA LEU B 297 15.12 11.25 -20.11
C LEU B 297 13.90 10.34 -20.05
N ALA B 298 12.81 10.86 -19.49
CA ALA B 298 11.56 10.14 -19.38
C ALA B 298 10.62 10.48 -20.56
N ILE B 299 11.24 10.74 -21.71
CA ILE B 299 10.57 11.00 -22.97
C ILE B 299 11.19 10.09 -24.02
N HIS B 300 10.33 9.36 -24.74
CA HIS B 300 10.73 8.41 -25.77
C HIS B 300 10.04 8.68 -27.10
N ALA B 301 10.67 8.26 -28.19
CA ALA B 301 10.00 8.19 -29.48
C ALA B 301 9.10 6.96 -29.46
N MET B 302 7.84 7.13 -29.85
CA MET B 302 6.96 6.00 -30.08
C MET B 302 6.01 6.30 -31.22
N ASP B 303 6.17 5.57 -32.33
CA ASP B 303 5.29 5.71 -33.48
C ASP B 303 4.08 4.78 -33.33
N ILE B 304 2.99 5.35 -32.81
CA ILE B 304 1.72 4.65 -32.64
C ILE B 304 0.98 4.67 -34.00
N PRO B 305 0.55 3.48 -34.50
CA PRO B 305 -0.07 3.45 -35.84
C PRO B 305 -1.54 3.92 -35.86
N PRO B 306 -2.07 4.27 -37.06
CA PRO B 306 -3.52 4.54 -37.23
C PRO B 306 -4.39 3.33 -36.83
N PRO B 307 -5.62 3.56 -36.34
CA PRO B 307 -6.25 4.89 -36.30
C PRO B 307 -5.94 5.76 -35.06
N THR B 308 -5.46 5.16 -33.96
CA THR B 308 -5.09 5.92 -32.74
C THR B 308 -4.02 6.98 -33.01
N GLY B 309 -3.04 6.63 -33.85
CA GLY B 309 -1.91 7.51 -34.17
C GLY B 309 -1.85 8.00 -35.61
N PRO B 310 -0.78 8.73 -36.01
CA PRO B 310 0.32 9.15 -35.12
C PRO B 310 -0.16 10.12 -34.06
N THR B 311 0.43 10.02 -32.87
CA THR B 311 -0.04 10.76 -31.69
C THR B 311 1.01 10.85 -30.60
N TRP B 312 0.92 11.90 -29.80
CA TRP B 312 1.63 11.94 -28.55
C TRP B 312 0.92 11.04 -27.56
N ALA B 313 1.69 10.42 -26.68
CA ALA B 313 1.15 9.70 -25.54
C ALA B 313 1.66 10.38 -24.30
N LEU B 314 0.74 10.62 -23.37
CA LEU B 314 1.06 11.22 -22.08
C LEU B 314 0.94 10.11 -21.05
N GLY B 315 2.08 9.53 -20.71
CA GLY B 315 2.11 8.38 -19.81
C GLY B 315 2.50 8.76 -18.41
N ALA B 316 3.14 7.81 -17.72
CA ALA B 316 3.51 7.95 -16.32
C ALA B 316 4.30 9.23 -15.99
N THR B 317 5.20 9.63 -16.90
CA THR B 317 5.95 10.90 -16.76
C THR B 317 5.02 12.10 -16.54
N PHE B 318 3.97 12.18 -17.36
CA PHE B 318 2.96 13.23 -17.25
C PHE B 318 2.08 13.09 -16.01
N ILE B 319 1.59 11.88 -15.75
CA ILE B 319 0.68 11.60 -14.64
C ILE B 319 1.34 11.87 -13.28
N ARG B 320 2.63 11.54 -13.18
CA ARG B 320 3.40 11.83 -11.98
C ARG B 320 3.29 13.28 -11.56
N LYS B 321 3.33 14.18 -12.54
CA LYS B 321 3.20 15.60 -12.30
C LYS B 321 1.72 15.97 -12.11
N PHE B 322 0.87 15.44 -12.98
CA PHE B 322 -0.55 15.77 -12.95
C PHE B 322 -1.45 14.57 -12.61
N TYR B 323 -2.00 14.60 -11.40
CA TYR B 323 -3.09 13.71 -11.01
C TYR B 323 -4.18 13.78 -12.10
N THR B 324 -4.60 12.63 -12.59
CA THR B 324 -5.51 12.53 -13.73
C THR B 324 -6.85 11.89 -13.35
N GLU B 325 -7.94 12.51 -13.78
CA GLU B 325 -9.27 11.91 -13.65
C GLU B 325 -9.87 11.67 -15.03
N PHE B 326 -10.32 10.44 -15.25
CA PHE B 326 -10.95 10.05 -16.51
C PHE B 326 -12.44 10.02 -16.30
N ASP B 327 -13.12 10.92 -17.01
CA ASP B 327 -14.54 11.17 -16.84
C ASP B 327 -15.35 10.55 -18.00
N ARG B 328 -15.92 9.38 -17.73
CA ARG B 328 -16.78 8.67 -18.69
C ARG B 328 -18.17 9.30 -18.88
N ARG B 329 -18.68 9.98 -17.85
CA ARG B 329 -19.96 10.67 -17.94
C ARG B 329 -19.91 11.80 -18.97
N ASN B 330 -18.79 12.52 -18.97
CA ASN B 330 -18.60 13.72 -19.77
C ASN B 330 -17.57 13.62 -20.91
N ASN B 331 -17.03 12.42 -21.15
CA ASN B 331 -15.97 12.19 -22.16
C ASN B 331 -14.90 13.26 -22.14
N ARG B 332 -14.22 13.33 -21.00
CA ARG B 332 -13.19 14.34 -20.76
C ARG B 332 -12.16 13.83 -19.76
N ILE B 333 -11.03 14.54 -19.70
CA ILE B 333 -9.95 14.22 -18.77
C ILE B 333 -9.62 15.46 -17.90
N GLY B 334 -9.69 15.25 -16.58
CA GLY B 334 -9.29 16.26 -15.59
C GLY B 334 -7.85 16.10 -15.14
N PHE B 335 -7.14 17.22 -15.10
CA PHE B 335 -5.81 17.27 -14.53
C PHE B 335 -5.76 18.26 -13.36
N ALA B 336 -4.96 17.91 -12.36
CA ALA B 336 -4.59 18.83 -11.27
C ALA B 336 -3.21 18.42 -10.79
N LEU B 337 -2.48 19.39 -10.24
CA LEU B 337 -1.10 19.17 -9.79
C LEU B 337 -1.09 18.09 -8.70
N ALA B 338 -0.33 17.02 -8.96
CA ALA B 338 -0.23 15.88 -8.04
C ALA B 338 0.57 16.22 -6.79
N ARG B 339 0.24 15.52 -5.70
CA ARG B 339 1.02 15.50 -4.47
C ARG B 339 0.82 14.13 -3.80
C1 NAG C . -1.83 -1.18 45.18
C2 NAG C . -2.06 -0.95 46.69
C3 NAG C . -2.74 -2.15 47.36
C4 NAG C . -3.98 -2.64 46.61
C5 NAG C . -3.61 -2.86 45.13
C6 NAG C . -4.81 -3.34 44.31
C7 NAG C . -0.50 0.57 47.88
C8 NAG C . 0.76 0.61 48.68
N2 NAG C . -0.85 -0.64 47.46
O3 NAG C . -3.10 -1.81 48.71
O4 NAG C . -4.48 -3.82 47.24
O5 NAG C . -3.04 -1.65 44.56
O6 NAG C . -5.69 -2.25 43.98
O7 NAG C . -1.12 1.59 47.60
C1 PG6 D . 20.21 -4.17 17.31
O1 PG6 D . 19.08 -4.91 17.78
C2 PG6 D . 18.06 -5.07 16.80
C3 PG6 D . 16.75 -5.48 17.47
O2 PG6 D . 15.67 -4.65 17.02
C4 PG6 D . 15.09 -3.88 18.08
C5 PG6 D . 14.13 -2.83 17.53
O3 PG6 D . 13.84 -1.86 18.54
C6 PG6 D . 12.61 -1.16 18.34
C7 PG6 D . 12.00 -0.76 19.68
O4 PG6 D . 11.67 -1.92 20.42
C8 PG6 D . 11.03 -1.69 21.68
C9 PG6 D . 9.70 -2.40 21.67
O5 PG6 D . 9.36 -2.93 22.97
C10 PG6 D . 7.97 -2.78 23.31
C11 PG6 D . 7.07 -3.74 22.52
O6 PG6 D . 5.79 -3.16 22.30
C12 PG6 D . 5.62 -2.67 20.97
S DMS E . 4.56 -1.02 16.89
O DMS E . 4.33 0.42 16.64
C1 DMS E . 4.32 -1.89 15.44
C2 DMS E . 6.23 -1.30 17.20
S DMS F . 6.72 -3.17 3.12
O DMS F . 5.61 -3.17 4.11
C1 DMS F . 6.65 -1.74 2.20
C2 DMS F . 8.17 -2.92 3.95
C1 NAG G . -18.44 -16.47 -25.68
C2 NAG G . -19.53 -17.21 -26.46
C3 NAG G . -19.76 -16.53 -27.81
C4 NAG G . -20.04 -15.02 -27.66
C5 NAG G . -19.15 -14.31 -26.62
C6 NAG G . -19.82 -13.01 -26.15
C7 NAG G . -19.54 -19.59 -25.75
C8 NAG G . -19.10 -20.97 -26.15
N2 NAG G . -19.21 -18.62 -26.63
O3 NAG G . -20.87 -17.14 -28.48
O4 NAG G . -19.87 -14.40 -28.93
O5 NAG G . -18.87 -15.11 -25.45
O6 NAG G . -19.82 -12.03 -27.19
O7 NAG G . -20.15 -19.40 -24.71
C5 77O H . 6.52 -1.92 -19.42
C6 77O H . 5.14 -2.01 -19.68
C8 77O H . 4.65 0.29 -18.78
C10 77O H . 3.05 0.04 -16.80
CL1 77O H . 4.89 -5.57 -21.30
C2 77O H . 5.51 -4.13 -20.56
C3 77O H . 6.86 -4.02 -20.30
N4 77O H . 7.33 -2.91 -19.74
N7 77O H . 4.24 -1.00 -19.36
C9 77O H . 3.71 0.78 -17.70
C11 77O H . 2.31 0.93 -16.00
C12 77O H . 2.54 2.17 -16.45
O13 77O H . 3.39 2.08 -17.49
N14 77O H . 4.68 -3.13 -20.25
C1 PGE I . -21.68 10.12 -23.77
O1 PGE I . -20.93 9.54 -24.83
C2 PGE I . -20.86 11.23 -23.08
O2 PGE I . -20.19 12.06 -24.02
C3 PGE I . -20.64 13.42 -23.99
C4 PGE I . -19.45 14.36 -23.84
O4 PGE I . -16.80 14.26 -27.37
C6 PGE I . -17.42 15.39 -26.76
C5 PGE I . -17.71 15.13 -25.28
O3 PGE I . -19.13 14.99 -25.08
#